data_2VN8
#
_entry.id   2VN8
#
_cell.length_a   106.950
_cell.length_b   106.950
_cell.length_c   177.492
_cell.angle_alpha   90.00
_cell.angle_beta   90.00
_cell.angle_gamma   120.00
#
_symmetry.space_group_name_H-M   'P 32 2 1'
#
loop_
_entity.id
_entity.type
_entity.pdbx_description
1 polymer 'RETICULON-4-INTERACTING PROTEIN 1'
2 non-polymer 'NADPH DIHYDRO-NICOTINAMIDE-ADENINE-DINUCLEOTIDE PHOSPHATE'
3 non-polymer 'SODIUM ION'
4 non-polymer 'CITRIC ACID'
5 non-polymer GLYCEROL
6 water water
#
_entity_poly.entity_id   1
_entity_poly.type   'polypeptide(L)'
_entity_poly.pdbx_seq_one_letter_code
;MHHHHHHSSGVDLGTENLYFQSMAWVIDKYGKNEVLRFTQNMMMPIIHYPNEVIVKVHAASVNPIDVNMRSGYGATALNM
KRDPLHVKIKGEEFPLTLGRDVSGVVMECGLDVKYFKPGDEVWAAVPPWKQGTLSEFVVVSGNEVSHKPKSLTHTQAASL
PYVALTAWSAINKVGGLNDKNCTGKRVLILGASGGVGTFAIQVMKAWDAHVTAVCSQDASELVRKLGADDVIDYKSGSVE
EQLKSLKPFDFILDNVGGSTETWAPDFLKKWSGATYVTLVTPFLLNMDRLGIADGMLQTGVTVGSKALKHFWKGVHYRWA
FFMASGPCLDDIAELVDAGKIRPVIEQTFPFSKVPEAFLKVERGHARGKTVINVV
;
_entity_poly.pdbx_strand_id   A,B
#
# COMPACT_ATOMS: atom_id res chain seq x y z
N LEU A 18 -26.61 -31.58 -29.40
CA LEU A 18 -27.43 -30.80 -28.41
C LEU A 18 -26.57 -29.70 -27.79
N TYR A 19 -25.72 -30.07 -26.84
CA TYR A 19 -24.90 -29.10 -26.13
C TYR A 19 -24.01 -28.31 -27.09
N PHE A 20 -23.63 -27.12 -26.64
CA PHE A 20 -22.68 -26.26 -27.31
C PHE A 20 -21.40 -26.51 -26.57
N GLN A 21 -20.35 -26.90 -27.29
CA GLN A 21 -19.04 -27.12 -26.69
C GLN A 21 -18.03 -26.28 -27.46
N SER A 22 -16.98 -25.86 -26.79
CA SER A 22 -15.96 -25.05 -27.43
C SER A 22 -14.59 -25.42 -26.85
N MET A 23 -13.55 -24.98 -27.53
CA MET A 23 -12.17 -25.36 -27.24
C MET A 23 -11.35 -24.28 -26.56
N ALA A 24 -10.42 -24.72 -25.72
CA ALA A 24 -9.54 -23.79 -25.05
C ALA A 24 -8.32 -24.52 -24.51
N TRP A 25 -7.24 -23.80 -24.32
CA TRP A 25 -6.14 -24.23 -23.48
C TRP A 25 -6.34 -23.57 -22.12
N VAL A 26 -6.45 -24.40 -21.07
CA VAL A 26 -6.69 -23.92 -19.70
C VAL A 26 -5.63 -24.51 -18.75
N ILE A 27 -5.48 -23.86 -17.60
CA ILE A 27 -4.71 -24.46 -16.49
C ILE A 27 -5.63 -24.62 -15.29
N ASP A 28 -5.34 -25.64 -14.50
CA ASP A 28 -6.11 -25.99 -13.30
C ASP A 28 -5.37 -25.72 -12.00
N LYS A 29 -4.08 -25.40 -12.13
CA LYS A 29 -3.24 -25.00 -11.02
C LYS A 29 -2.03 -24.31 -11.61
N TYR A 30 -1.30 -23.57 -10.79
CA TYR A 30 -0.08 -22.90 -11.25
C TYR A 30 1.06 -23.88 -11.29
N GLY A 31 2.01 -23.66 -12.17
CA GLY A 31 3.12 -24.59 -12.31
C GLY A 31 3.90 -24.38 -13.58
N LYS A 32 4.66 -25.39 -13.93
CA LYS A 32 5.48 -25.41 -15.12
C LYS A 32 4.59 -25.74 -16.30
N ASN A 33 5.18 -25.80 -17.49
CA ASN A 33 4.41 -25.82 -18.74
C ASN A 33 3.44 -26.99 -18.85
N GLU A 34 3.75 -28.06 -18.12
CA GLU A 34 2.93 -29.27 -18.05
C GLU A 34 1.49 -29.02 -17.56
N VAL A 35 1.23 -27.91 -16.87
CA VAL A 35 -0.13 -27.62 -16.41
C VAL A 35 -1.09 -27.23 -17.54
N LEU A 36 -0.57 -26.90 -18.71
CA LEU A 36 -1.42 -26.57 -19.85
C LEU A 36 -2.28 -27.76 -20.25
N ARG A 37 -3.58 -27.55 -20.38
CA ARG A 37 -4.49 -28.65 -20.76
C ARG A 37 -5.50 -28.21 -21.81
N PHE A 38 -5.64 -29.03 -22.84
CA PHE A 38 -6.58 -28.75 -23.93
C PHE A 38 -7.93 -29.37 -23.62
N THR A 39 -8.99 -28.60 -23.79
CA THR A 39 -10.34 -29.09 -23.54
C THR A 39 -11.23 -28.72 -24.71
N GLN A 40 -12.12 -29.63 -25.09
CA GLN A 40 -13.17 -29.35 -26.05
C GLN A 40 -14.52 -29.26 -25.36
N ASN A 41 -14.49 -28.97 -24.06
CA ASN A 41 -15.70 -28.94 -23.25
C ASN A 41 -15.88 -27.60 -22.59
N MET A 42 -15.42 -26.53 -23.23
CA MET A 42 -15.68 -25.20 -22.71
C MET A 42 -17.14 -24.86 -22.96
N MET A 43 -17.73 -24.20 -21.96
CA MET A 43 -19.09 -23.71 -22.05
C MET A 43 -19.16 -22.53 -23.03
N MET A 44 -20.30 -22.35 -23.66
CA MET A 44 -20.58 -21.17 -24.48
C MET A 44 -20.23 -19.85 -23.79
N PRO A 45 -19.72 -18.87 -24.54
CA PRO A 45 -19.40 -17.61 -23.86
C PRO A 45 -20.67 -16.84 -23.53
N ILE A 46 -20.64 -16.04 -22.46
CA ILE A 46 -21.82 -15.38 -21.95
C ILE A 46 -21.55 -13.87 -21.79
N ILE A 47 -22.48 -13.06 -22.27
CA ILE A 47 -22.50 -11.64 -21.97
C ILE A 47 -23.22 -11.42 -20.62
N HIS A 48 -22.45 -11.06 -19.59
CA HIS A 48 -23.03 -10.76 -18.26
C HIS A 48 -23.45 -9.30 -18.12
N TYR A 49 -22.75 -8.40 -18.81
CA TYR A 49 -22.95 -6.94 -18.66
C TYR A 49 -23.27 -6.33 -20.02
N PRO A 50 -24.11 -5.28 -20.05
CA PRO A 50 -24.55 -4.77 -21.34
C PRO A 50 -23.47 -4.09 -22.20
N ASN A 51 -22.26 -3.94 -21.70
CA ASN A 51 -21.17 -3.31 -22.44
C ASN A 51 -20.13 -4.36 -22.95
N GLU A 52 -20.45 -5.65 -22.86
CA GLU A 52 -19.55 -6.69 -23.33
C GLU A 52 -19.85 -7.08 -24.80
N VAL A 53 -18.81 -7.64 -25.40
CA VAL A 53 -18.79 -8.13 -26.75
C VAL A 53 -18.17 -9.54 -26.68
N ILE A 54 -18.79 -10.53 -27.31
CA ILE A 54 -18.15 -11.82 -27.58
C ILE A 54 -17.44 -11.79 -28.92
N VAL A 55 -16.19 -12.22 -28.93
CA VAL A 55 -15.36 -12.27 -30.11
C VAL A 55 -14.92 -13.72 -30.46
N LYS A 56 -15.04 -14.11 -31.72
CA LYS A 56 -14.41 -15.34 -32.21
C LYS A 56 -12.95 -15.03 -32.37
N VAL A 57 -12.11 -15.73 -31.63
CA VAL A 57 -10.65 -15.59 -31.76
C VAL A 57 -10.15 -16.25 -33.07
N HIS A 58 -9.48 -15.47 -33.91
CA HIS A 58 -8.81 -16.00 -35.11
C HIS A 58 -7.34 -16.17 -34.83
N ALA A 59 -6.76 -15.24 -34.08
CA ALA A 59 -5.34 -15.40 -33.66
C ALA A 59 -5.09 -14.71 -32.33
N ALA A 60 -4.04 -15.17 -31.65
CA ALA A 60 -3.66 -14.70 -30.32
C ALA A 60 -2.13 -14.71 -30.30
N SER A 61 -1.52 -14.00 -29.39
CA SER A 61 -0.07 -14.01 -29.25
C SER A 61 0.19 -14.45 -27.84
N VAL A 62 1.40 -14.95 -27.62
CA VAL A 62 1.93 -15.28 -26.31
C VAL A 62 2.85 -14.14 -25.85
N ASN A 63 2.75 -13.80 -24.58
CA ASN A 63 3.43 -12.64 -23.98
C ASN A 63 4.18 -13.20 -22.78
N PRO A 64 5.32 -12.60 -22.38
CA PRO A 64 5.90 -13.13 -21.16
C PRO A 64 4.97 -13.18 -19.96
N ILE A 65 4.03 -12.22 -19.83
CA ILE A 65 3.06 -12.24 -18.71
C ILE A 65 2.31 -13.57 -18.68
N ASP A 66 2.06 -14.17 -19.84
CA ASP A 66 1.39 -15.49 -19.88
C ASP A 66 2.16 -16.62 -19.25
N VAL A 67 3.46 -16.69 -19.55
CA VAL A 67 4.34 -17.72 -18.99
C VAL A 67 4.45 -17.50 -17.48
N ASN A 68 4.58 -16.24 -17.08
CA ASN A 68 4.74 -15.93 -15.68
C ASN A 68 3.49 -16.23 -14.88
N MET A 69 2.34 -15.78 -15.37
CA MET A 69 1.05 -16.12 -14.76
C MET A 69 0.77 -17.60 -14.68
N ARG A 70 1.20 -18.36 -15.68
CA ARG A 70 1.10 -19.82 -15.63
C ARG A 70 1.78 -20.35 -14.38
N SER A 71 2.94 -19.80 -14.06
CA SER A 71 3.71 -20.16 -12.88
C SER A 71 3.22 -19.57 -11.55
N GLY A 72 2.20 -18.72 -11.55
CA GLY A 72 1.63 -18.16 -10.30
C GLY A 72 1.87 -16.68 -10.12
N TYR A 73 2.68 -16.08 -10.99
CA TYR A 73 3.02 -14.68 -10.87
C TYR A 73 1.77 -13.82 -10.84
N GLY A 74 1.69 -12.91 -9.86
CA GLY A 74 0.55 -11.99 -9.77
C GLY A 74 -0.76 -12.56 -9.24
N ALA A 75 -0.78 -13.86 -8.91
CA ALA A 75 -2.00 -14.56 -8.52
C ALA A 75 -2.76 -13.83 -7.42
N THR A 76 -2.04 -13.29 -6.44
CA THR A 76 -2.64 -12.66 -5.27
C THR A 76 -3.35 -11.40 -5.65
N ALA A 77 -2.65 -10.53 -6.37
CA ALA A 77 -3.22 -9.29 -6.81
C ALA A 77 -4.36 -9.56 -7.81
N LEU A 78 -4.18 -10.51 -8.71
CA LEU A 78 -5.15 -10.73 -9.77
C LEU A 78 -6.41 -11.33 -9.22
N ASN A 79 -6.31 -12.12 -8.16
CA ASN A 79 -7.48 -12.71 -7.53
C ASN A 79 -8.31 -11.69 -6.81
N MET A 80 -7.65 -10.69 -6.23
CA MET A 80 -8.37 -9.58 -5.65
C MET A 80 -9.18 -8.84 -6.72
N LYS A 81 -8.57 -8.64 -7.88
CA LYS A 81 -9.22 -8.04 -9.03
C LYS A 81 -10.37 -8.88 -9.57
N ARG A 82 -10.20 -10.20 -9.59
CA ARG A 82 -11.22 -11.12 -10.07
C ARG A 82 -12.43 -11.12 -9.15
N ASP A 83 -12.20 -10.89 -7.87
CA ASP A 83 -13.26 -11.00 -6.88
C ASP A 83 -13.10 -9.97 -5.75
N PRO A 84 -13.43 -8.71 -6.07
CA PRO A 84 -13.31 -7.59 -5.13
C PRO A 84 -13.99 -7.88 -3.78
N LEU A 85 -15.15 -8.54 -3.82
CA LEU A 85 -15.96 -8.78 -2.63
C LEU A 85 -15.36 -9.86 -1.70
N HIS A 86 -14.48 -10.70 -2.21
CA HIS A 86 -14.10 -11.97 -1.55
C HIS A 86 -15.35 -12.86 -1.37
N VAL A 87 -16.08 -12.98 -2.48
CA VAL A 87 -17.29 -13.78 -2.60
C VAL A 87 -17.02 -15.15 -3.30
N LYS A 88 -15.79 -15.37 -3.78
CA LYS A 88 -15.35 -16.65 -4.39
C LYS A 88 -14.38 -17.42 -3.48
N ILE A 89 -14.30 -18.75 -3.67
CA ILE A 89 -13.39 -19.62 -2.88
C ILE A 89 -12.02 -19.76 -3.55
N LYS A 90 -10.98 -20.09 -2.77
CA LYS A 90 -9.61 -20.24 -3.29
C LYS A 90 -9.53 -21.32 -4.37
N GLY A 91 -8.72 -21.09 -5.39
CA GLY A 91 -8.69 -21.93 -6.58
C GLY A 91 -9.87 -21.70 -7.49
N GLU A 92 -10.64 -20.63 -7.22
CA GLU A 92 -11.83 -20.33 -8.03
C GLU A 92 -11.55 -19.66 -9.36
N GLU A 93 -10.31 -19.20 -9.56
CA GLU A 93 -9.90 -18.73 -10.88
C GLU A 93 -9.79 -19.86 -11.92
N PHE A 94 -9.67 -21.08 -11.45
CA PHE A 94 -9.45 -22.24 -12.30
C PHE A 94 -10.79 -22.84 -12.72
N PRO A 95 -10.91 -23.35 -13.96
CA PRO A 95 -9.88 -23.36 -15.02
C PRO A 95 -9.59 -22.00 -15.61
N LEU A 96 -8.31 -21.70 -15.75
CA LEU A 96 -7.86 -20.41 -16.21
C LEU A 96 -7.36 -20.47 -17.64
N THR A 97 -7.94 -19.66 -18.53
CA THR A 97 -7.47 -19.43 -19.90
C THR A 97 -6.53 -18.22 -19.95
N LEU A 98 -5.26 -18.47 -20.31
CA LEU A 98 -4.29 -17.42 -20.52
C LEU A 98 -4.42 -16.86 -21.94
N GLY A 99 -3.54 -15.90 -22.27
CA GLY A 99 -3.55 -15.19 -23.53
C GLY A 99 -4.19 -13.83 -23.36
N ARG A 100 -3.48 -12.77 -23.74
CA ARG A 100 -3.94 -11.38 -23.58
C ARG A 100 -4.38 -10.70 -24.87
N ASP A 101 -3.88 -11.14 -26.00
CA ASP A 101 -4.15 -10.52 -27.30
C ASP A 101 -5.09 -11.33 -28.15
N VAL A 102 -5.93 -10.64 -28.89
CA VAL A 102 -6.86 -11.30 -29.84
C VAL A 102 -6.97 -10.46 -31.08
N SER A 103 -6.90 -11.13 -32.23
CA SER A 103 -7.51 -10.60 -33.42
C SER A 103 -8.67 -11.52 -33.83
N GLY A 104 -9.83 -10.96 -34.16
CA GLY A 104 -10.92 -11.82 -34.55
C GLY A 104 -12.14 -11.09 -35.05
N VAL A 105 -13.28 -11.75 -34.89
CA VAL A 105 -14.59 -11.27 -35.37
C VAL A 105 -15.65 -11.23 -34.26
N VAL A 106 -16.46 -10.17 -34.23
CA VAL A 106 -17.51 -10.01 -33.26
C VAL A 106 -18.66 -10.96 -33.51
N MET A 107 -18.99 -11.77 -32.50
CA MET A 107 -20.17 -12.68 -32.56
C MET A 107 -21.42 -12.05 -32.00
N GLU A 108 -21.30 -11.31 -30.90
CA GLU A 108 -22.49 -10.76 -30.23
C GLU A 108 -22.11 -9.61 -29.32
N CYS A 109 -23.01 -8.66 -29.17
CA CYS A 109 -22.87 -7.51 -28.28
C CYS A 109 -24.03 -7.39 -27.27
N GLY A 110 -23.70 -6.90 -26.08
CA GLY A 110 -24.70 -6.49 -25.11
C GLY A 110 -25.45 -5.28 -25.62
N LEU A 111 -26.52 -4.91 -24.92
CA LEU A 111 -27.44 -3.93 -25.44
C LEU A 111 -26.91 -2.50 -25.39
N ASP A 112 -25.79 -2.26 -24.71
CA ASP A 112 -25.25 -0.91 -24.66
C ASP A 112 -24.09 -0.75 -25.62
N VAL A 113 -23.64 -1.81 -26.29
CA VAL A 113 -22.58 -1.58 -27.27
C VAL A 113 -23.17 -0.94 -28.53
N LYS A 114 -22.56 0.16 -28.95
CA LYS A 114 -23.12 0.95 -30.06
C LYS A 114 -22.22 0.94 -31.31
N TYR A 115 -20.90 0.82 -31.10
CA TYR A 115 -19.91 1.02 -32.17
C TYR A 115 -19.38 -0.27 -32.76
N PHE A 116 -19.91 -1.40 -32.29
CA PHE A 116 -19.55 -2.70 -32.82
C PHE A 116 -20.80 -3.49 -33.08
N LYS A 117 -20.69 -4.40 -34.03
CA LYS A 117 -21.77 -5.28 -34.37
C LYS A 117 -21.23 -6.61 -34.87
N PRO A 118 -22.09 -7.64 -34.88
CA PRO A 118 -21.67 -8.96 -35.34
C PRO A 118 -21.08 -8.88 -36.75
N GLY A 119 -19.91 -9.47 -36.89
CA GLY A 119 -19.17 -9.53 -38.12
C GLY A 119 -18.02 -8.57 -38.21
N ASP A 120 -17.95 -7.58 -37.32
CA ASP A 120 -16.86 -6.62 -37.36
C ASP A 120 -15.61 -7.34 -37.06
N GLU A 121 -14.54 -6.90 -37.71
CA GLU A 121 -13.20 -7.44 -37.46
C GLU A 121 -12.49 -6.51 -36.50
N VAL A 122 -11.98 -7.09 -35.42
CA VAL A 122 -11.64 -6.34 -34.22
C VAL A 122 -10.35 -6.89 -33.67
N TRP A 123 -9.69 -6.08 -32.85
CA TRP A 123 -8.60 -6.60 -32.04
C TRP A 123 -8.77 -5.98 -30.64
N ALA A 124 -8.06 -6.53 -29.67
CA ALA A 124 -8.15 -6.12 -28.25
C ALA A 124 -7.00 -6.73 -27.48
N ALA A 125 -6.57 -6.02 -26.43
CA ALA A 125 -5.77 -6.58 -25.37
C ALA A 125 -6.68 -6.72 -24.15
N VAL A 126 -6.73 -7.92 -23.59
CA VAL A 126 -7.59 -8.28 -22.45
C VAL A 126 -6.83 -8.02 -21.16
N PRO A 127 -7.45 -7.34 -20.18
CA PRO A 127 -6.73 -7.30 -18.91
C PRO A 127 -6.41 -8.70 -18.32
N PRO A 128 -5.31 -8.80 -17.57
CA PRO A 128 -4.76 -10.03 -16.97
C PRO A 128 -5.72 -10.75 -16.04
N TRP A 129 -6.63 -9.99 -15.41
CA TRP A 129 -7.56 -10.52 -14.47
C TRP A 129 -8.83 -11.06 -15.15
N LYS A 130 -8.95 -10.94 -16.47
CA LYS A 130 -10.09 -11.53 -17.18
C LYS A 130 -9.67 -12.82 -17.87
N GLN A 131 -10.63 -13.70 -18.15
CA GLN A 131 -10.38 -14.90 -18.93
C GLN A 131 -9.78 -14.54 -20.28
N GLY A 132 -8.78 -15.31 -20.69
CA GLY A 132 -7.95 -14.92 -21.80
C GLY A 132 -8.34 -15.45 -23.15
N THR A 133 -7.43 -15.31 -24.09
CA THR A 133 -7.77 -15.44 -25.51
C THR A 133 -7.26 -16.74 -26.13
N LEU A 134 -6.64 -17.64 -25.36
CA LEU A 134 -6.26 -18.95 -25.90
C LEU A 134 -7.44 -19.93 -25.84
N SER A 135 -8.45 -19.59 -26.63
CA SER A 135 -9.77 -20.16 -26.57
C SER A 135 -10.46 -19.85 -27.90
N GLU A 136 -11.55 -20.55 -28.25
CA GLU A 136 -12.28 -20.22 -29.48
C GLU A 136 -12.97 -18.89 -29.44
N PHE A 137 -13.51 -18.55 -28.27
CA PHE A 137 -14.19 -17.29 -28.05
C PHE A 137 -13.64 -16.56 -26.83
N VAL A 138 -13.80 -15.24 -26.79
CA VAL A 138 -13.39 -14.44 -25.65
C VAL A 138 -14.43 -13.34 -25.47
N VAL A 139 -14.79 -13.07 -24.22
CA VAL A 139 -15.63 -11.95 -23.85
C VAL A 139 -14.73 -10.74 -23.48
N VAL A 140 -15.03 -9.58 -24.05
CA VAL A 140 -14.31 -8.35 -23.72
C VAL A 140 -15.36 -7.26 -23.54
N SER A 141 -14.95 -6.20 -22.88
CA SER A 141 -15.71 -5.00 -22.72
C SER A 141 -15.54 -4.12 -23.91
N GLY A 142 -16.61 -3.43 -24.29
CA GLY A 142 -16.57 -2.55 -25.44
C GLY A 142 -15.43 -1.55 -25.38
N ASN A 143 -15.08 -1.09 -24.20
CA ASN A 143 -14.00 -0.09 -24.09
C ASN A 143 -12.59 -0.65 -24.27
N GLU A 144 -12.46 -1.97 -24.41
CA GLU A 144 -11.17 -2.60 -24.62
C GLU A 144 -10.92 -2.98 -26.10
N VAL A 145 -11.96 -2.87 -26.92
CA VAL A 145 -11.94 -3.42 -28.24
C VAL A 145 -11.92 -2.29 -29.28
N SER A 146 -11.37 -2.59 -30.46
CA SER A 146 -11.15 -1.58 -31.51
C SER A 146 -11.29 -2.32 -32.86
N HIS A 147 -11.72 -1.65 -33.91
CA HIS A 147 -11.58 -2.25 -35.26
C HIS A 147 -10.11 -2.47 -35.63
N LYS A 148 -9.78 -3.65 -36.10
CA LYS A 148 -8.40 -3.99 -36.42
C LYS A 148 -7.95 -3.25 -37.71
N PRO A 149 -6.64 -3.08 -37.87
CA PRO A 149 -6.09 -2.54 -39.10
C PRO A 149 -6.56 -3.33 -40.31
N LYS A 150 -7.05 -2.61 -41.31
CA LYS A 150 -7.53 -3.28 -42.51
C LYS A 150 -6.38 -3.88 -43.29
N SER A 151 -5.16 -3.40 -43.08
CA SER A 151 -4.04 -3.83 -43.86
C SER A 151 -3.38 -5.10 -43.28
N LEU A 152 -3.82 -5.60 -42.12
CA LEU A 152 -3.13 -6.74 -41.49
C LEU A 152 -4.05 -7.97 -41.54
N THR A 153 -3.48 -9.16 -41.73
CA THR A 153 -4.22 -10.42 -41.47
C THR A 153 -4.50 -10.50 -39.93
N HIS A 154 -5.35 -11.42 -39.52
CA HIS A 154 -5.58 -11.68 -38.10
C HIS A 154 -4.29 -12.10 -37.43
N THR A 155 -3.53 -12.98 -38.08
CA THR A 155 -2.23 -13.44 -37.53
C THR A 155 -1.29 -12.23 -37.20
N GLN A 156 -1.17 -11.31 -38.15
CA GLN A 156 -0.32 -10.13 -37.99
C GLN A 156 -0.82 -9.20 -36.90
N ALA A 157 -2.12 -8.92 -36.94
CA ALA A 157 -2.74 -8.01 -36.01
C ALA A 157 -2.69 -8.51 -34.58
N ALA A 158 -2.83 -9.83 -34.42
CA ALA A 158 -2.87 -10.44 -33.07
C ALA A 158 -1.55 -10.27 -32.36
N SER A 159 -0.46 -9.94 -33.10
CA SER A 159 0.86 -9.75 -32.50
C SER A 159 0.99 -8.44 -31.74
N LEU A 160 0.07 -7.51 -31.97
CA LEU A 160 0.26 -6.14 -31.52
C LEU A 160 -0.33 -5.61 -30.22
N PRO A 161 -1.62 -5.91 -29.89
CA PRO A 161 -2.33 -5.12 -28.87
C PRO A 161 -1.68 -4.95 -27.51
N TYR A 162 -1.20 -6.04 -26.91
CA TYR A 162 -0.68 -5.99 -25.57
C TYR A 162 0.61 -5.19 -25.54
N VAL A 163 1.57 -5.53 -26.42
CA VAL A 163 2.85 -4.77 -26.47
C VAL A 163 2.70 -3.33 -26.89
N ALA A 164 1.81 -3.10 -27.85
CA ALA A 164 1.56 -1.75 -28.34
C ALA A 164 0.95 -0.84 -27.27
N LEU A 165 -0.02 -1.38 -26.53
CA LEU A 165 -0.66 -0.64 -25.46
C LEU A 165 0.27 -0.42 -24.27
N THR A 166 1.17 -1.35 -24.02
CA THR A 166 2.17 -1.20 -22.98
C THR A 166 3.11 -0.06 -23.34
N ALA A 167 3.60 -0.10 -24.59
CA ALA A 167 4.47 0.93 -25.11
C ALA A 167 3.75 2.28 -25.09
N TRP A 168 2.51 2.30 -25.53
CA TRP A 168 1.72 3.53 -25.56
C TRP A 168 1.54 4.16 -24.18
N SER A 169 1.20 3.34 -23.19
CA SER A 169 1.14 3.75 -21.79
C SER A 169 2.44 4.41 -21.32
N ALA A 170 3.57 3.76 -21.57
CA ALA A 170 4.89 4.25 -21.11
C ALA A 170 5.31 5.54 -21.84
N ILE A 171 5.06 5.57 -23.14
CA ILE A 171 5.58 6.63 -23.99
C ILE A 171 4.65 7.81 -23.96
N ASN A 172 3.36 7.57 -24.22
CA ASN A 172 2.43 8.69 -24.37
C ASN A 172 1.80 9.10 -23.05
N LYS A 173 1.20 8.15 -22.36
CA LYS A 173 0.46 8.45 -21.17
C LYS A 173 1.40 8.82 -20.04
N VAL A 174 2.39 7.98 -19.76
CA VAL A 174 3.30 8.28 -18.64
C VAL A 174 4.39 9.25 -19.10
N GLY A 175 5.04 8.96 -20.21
CA GLY A 175 6.09 9.82 -20.73
C GLY A 175 5.69 11.18 -21.26
N GLY A 176 4.44 11.33 -21.65
CA GLY A 176 3.95 12.61 -22.24
C GLY A 176 4.41 12.90 -23.68
N LEU A 177 4.90 11.88 -24.38
CA LEU A 177 5.38 12.04 -25.75
C LEU A 177 4.24 11.78 -26.71
N ASN A 178 4.15 12.57 -27.78
CA ASN A 178 3.07 12.44 -28.76
C ASN A 178 3.56 12.92 -30.12
N ASP A 179 2.66 12.88 -31.10
CA ASP A 179 3.04 13.29 -32.47
C ASP A 179 3.50 14.73 -32.61
N LYS A 180 3.19 15.62 -31.66
CA LYS A 180 3.56 17.03 -31.78
C LYS A 180 4.85 17.45 -31.08
N ASN A 181 5.36 16.67 -30.13
CA ASN A 181 6.46 17.16 -29.28
C ASN A 181 7.76 16.34 -29.30
N CYS A 182 7.87 15.38 -30.22
CA CYS A 182 9.04 14.49 -30.28
C CYS A 182 10.09 14.86 -31.27
N THR A 183 9.78 15.75 -32.21
CA THR A 183 10.72 16.08 -33.26
C THR A 183 12.10 16.40 -32.69
N GLY A 184 13.08 15.55 -33.02
CA GLY A 184 14.46 15.77 -32.62
C GLY A 184 14.74 15.57 -31.14
N LYS A 185 13.82 14.90 -30.43
CA LYS A 185 14.09 14.45 -29.08
C LYS A 185 14.84 13.15 -29.25
N ARG A 186 15.78 12.90 -28.34
CA ARG A 186 16.62 11.74 -28.39
C ARG A 186 16.09 10.75 -27.40
N VAL A 187 15.80 9.58 -27.89
CA VAL A 187 15.20 8.51 -27.13
C VAL A 187 16.12 7.30 -27.07
N LEU A 188 16.25 6.72 -25.87
CA LEU A 188 16.97 5.46 -25.66
C LEU A 188 15.99 4.34 -25.29
N ILE A 189 15.99 3.27 -26.07
CA ILE A 189 15.19 2.08 -25.75
C ILE A 189 16.10 0.92 -25.29
N LEU A 190 16.01 0.58 -24.01
CA LEU A 190 16.72 -0.55 -23.40
C LEU A 190 15.86 -1.77 -23.57
N GLY A 191 16.38 -2.75 -24.31
CA GLY A 191 15.59 -3.93 -24.66
C GLY A 191 14.75 -3.72 -25.92
N ALA A 192 15.41 -3.28 -26.98
CA ALA A 192 14.73 -2.87 -28.22
C ALA A 192 14.20 -3.99 -29.14
N SER A 193 14.57 -5.25 -28.90
CA SER A 193 14.32 -6.33 -29.87
C SER A 193 13.10 -7.22 -29.60
N GLY A 194 12.42 -7.01 -28.48
CA GLY A 194 11.24 -7.80 -28.14
C GLY A 194 9.95 -7.20 -28.63
N GLY A 195 8.84 -7.65 -28.05
CA GLY A 195 7.54 -7.26 -28.48
C GLY A 195 7.32 -5.79 -28.23
N VAL A 196 7.62 -5.31 -27.03
CA VAL A 196 7.49 -3.87 -26.73
C VAL A 196 8.50 -3.00 -27.51
N GLY A 197 9.77 -3.39 -27.48
CA GLY A 197 10.83 -2.60 -28.09
C GLY A 197 10.66 -2.39 -29.59
N THR A 198 10.32 -3.45 -30.31
CA THR A 198 10.17 -3.36 -31.77
C THR A 198 8.97 -2.48 -32.13
N PHE A 199 7.97 -2.38 -31.26
CA PHE A 199 6.83 -1.46 -31.50
C PHE A 199 7.27 -0.04 -31.16
N ALA A 200 7.97 0.09 -30.04
CA ALA A 200 8.42 1.39 -29.49
C ALA A 200 9.35 2.19 -30.43
N ILE A 201 10.30 1.49 -31.04
CA ILE A 201 11.17 2.04 -32.09
C ILE A 201 10.34 2.69 -33.16
N GLN A 202 9.34 1.97 -33.64
CA GLN A 202 8.56 2.44 -34.73
C GLN A 202 7.63 3.61 -34.40
N VAL A 203 7.01 3.61 -33.23
CA VAL A 203 6.08 4.71 -32.92
C VAL A 203 6.92 5.97 -32.66
N MET A 204 8.09 5.81 -32.06
CA MET A 204 8.97 6.95 -31.85
C MET A 204 9.48 7.54 -33.17
N LYS A 205 9.82 6.71 -34.14
CA LYS A 205 10.23 7.22 -35.46
C LYS A 205 9.06 7.84 -36.19
N ALA A 206 7.87 7.29 -36.04
CA ALA A 206 6.67 7.89 -36.64
C ALA A 206 6.46 9.32 -36.14
N TRP A 207 6.97 9.63 -34.94
CA TRP A 207 6.81 10.96 -34.34
C TRP A 207 8.04 11.79 -34.49
N ASP A 208 8.97 11.30 -35.31
CA ASP A 208 10.21 11.99 -35.63
C ASP A 208 11.21 12.11 -34.48
N ALA A 209 11.17 11.21 -33.49
CA ALA A 209 12.26 11.18 -32.52
C ALA A 209 13.50 10.55 -33.17
N HIS A 210 14.66 10.85 -32.62
CA HIS A 210 15.91 10.13 -32.89
C HIS A 210 16.01 8.97 -31.92
N VAL A 211 16.24 7.76 -32.42
CA VAL A 211 16.13 6.54 -31.60
C VAL A 211 17.49 5.82 -31.46
N THR A 212 17.89 5.57 -30.22
CA THR A 212 19.03 4.71 -29.91
C THR A 212 18.52 3.43 -29.29
N ALA A 213 18.86 2.31 -29.91
CA ALA A 213 18.37 1.00 -29.48
C ALA A 213 19.50 0.20 -28.84
N VAL A 214 19.24 -0.36 -27.64
CA VAL A 214 20.20 -1.26 -26.92
C VAL A 214 19.61 -2.68 -26.99
N CYS A 215 20.41 -3.60 -27.52
CA CYS A 215 19.96 -4.95 -27.84
C CYS A 215 21.18 -5.81 -28.14
N SER A 216 20.97 -7.08 -28.43
CA SER A 216 22.08 -8.00 -28.75
C SER A 216 22.59 -7.77 -30.18
N GLN A 217 23.81 -8.18 -30.48
CA GLN A 217 24.41 -7.92 -31.79
C GLN A 217 23.56 -8.46 -32.93
N ASP A 218 22.98 -9.64 -32.75
CA ASP A 218 22.22 -10.29 -33.82
C ASP A 218 20.88 -9.62 -34.14
N ALA A 219 20.33 -8.83 -33.19
CA ALA A 219 19.07 -8.09 -33.42
C ALA A 219 19.28 -6.73 -34.13
N SER A 220 20.54 -6.36 -34.34
CA SER A 220 20.89 -5.03 -34.78
C SER A 220 20.32 -4.65 -36.15
N GLU A 221 20.30 -5.60 -37.09
CA GLU A 221 19.71 -5.37 -38.41
C GLU A 221 18.22 -5.18 -38.35
N LEU A 222 17.52 -6.04 -37.62
CA LEU A 222 16.11 -5.85 -37.33
C LEU A 222 15.79 -4.44 -36.82
N VAL A 223 16.46 -3.99 -35.74
CA VAL A 223 16.12 -2.72 -35.11
C VAL A 223 16.45 -1.53 -35.98
N ARG A 224 17.51 -1.63 -36.78
CA ARG A 224 17.80 -0.61 -37.79
C ARG A 224 16.73 -0.53 -38.89
N LYS A 225 16.26 -1.67 -39.39
CA LYS A 225 15.20 -1.67 -40.42
C LYS A 225 13.89 -1.06 -39.90
N LEU A 226 13.60 -1.29 -38.64
CA LEU A 226 12.45 -0.70 -37.96
C LEU A 226 12.59 0.79 -37.69
N GLY A 227 13.79 1.31 -37.88
CA GLY A 227 14.03 2.73 -37.82
C GLY A 227 15.00 3.22 -36.75
N ALA A 228 15.61 2.33 -35.96
CA ALA A 228 16.65 2.75 -34.99
C ALA A 228 17.78 3.49 -35.70
N ASP A 229 18.14 4.68 -35.20
CA ASP A 229 19.23 5.49 -35.75
C ASP A 229 20.58 4.99 -35.28
N ASP A 230 20.69 4.70 -33.98
CA ASP A 230 21.91 4.16 -33.37
C ASP A 230 21.56 2.85 -32.71
N VAL A 231 22.54 1.92 -32.71
CA VAL A 231 22.41 0.63 -32.01
C VAL A 231 23.61 0.37 -31.10
N ILE A 232 23.34 -0.03 -29.87
CA ILE A 232 24.38 -0.43 -28.92
C ILE A 232 24.22 -1.88 -28.52
N ASP A 233 25.29 -2.64 -28.70
CA ASP A 233 25.33 -4.05 -28.33
C ASP A 233 25.63 -4.09 -26.85
N TYR A 234 24.67 -4.50 -26.03
CA TYR A 234 24.88 -4.47 -24.57
C TYR A 234 25.89 -5.52 -24.04
N LYS A 235 26.34 -6.44 -24.89
CA LYS A 235 27.36 -7.40 -24.55
C LYS A 235 28.71 -7.04 -25.20
N SER A 236 28.86 -5.80 -25.70
CA SER A 236 30.07 -5.38 -26.43
C SER A 236 31.21 -5.09 -25.48
N GLY A 237 30.88 -4.79 -24.23
CA GLY A 237 31.90 -4.67 -23.19
C GLY A 237 32.47 -3.27 -23.05
N SER A 238 31.90 -2.32 -23.79
CA SER A 238 32.22 -0.90 -23.62
C SER A 238 30.96 -0.06 -23.83
N VAL A 239 29.86 -0.52 -23.23
CA VAL A 239 28.58 0.17 -23.31
C VAL A 239 28.67 1.59 -22.72
N GLU A 240 29.43 1.72 -21.63
CA GLU A 240 29.62 2.98 -20.92
C GLU A 240 30.34 3.99 -21.80
N GLU A 241 31.45 3.59 -22.38
CA GLU A 241 32.21 4.51 -23.25
C GLU A 241 31.38 4.87 -24.48
N GLN A 242 30.62 3.91 -25.00
CA GLN A 242 29.71 4.16 -26.12
C GLN A 242 28.63 5.17 -25.76
N LEU A 243 27.89 4.92 -24.68
CA LEU A 243 26.88 5.88 -24.25
C LEU A 243 27.52 7.22 -23.88
N LYS A 244 28.62 7.20 -23.11
CA LYS A 244 29.33 8.43 -22.80
C LYS A 244 29.66 9.21 -24.06
N SER A 245 29.97 8.54 -25.16
CA SER A 245 30.29 9.23 -26.42
C SER A 245 29.10 9.85 -27.15
N LEU A 246 27.88 9.52 -26.75
CA LEU A 246 26.70 10.11 -27.40
C LEU A 246 26.18 11.28 -26.59
N LYS A 247 25.46 12.19 -27.23
CA LYS A 247 24.72 13.22 -26.51
C LYS A 247 23.77 12.59 -25.49
N PRO A 248 23.38 13.35 -24.48
CA PRO A 248 22.41 12.81 -23.51
C PRO A 248 21.00 12.64 -24.11
N PHE A 249 20.13 12.00 -23.36
CA PHE A 249 18.79 11.62 -23.82
C PHE A 249 17.71 12.42 -23.12
N ASP A 250 16.63 12.65 -23.87
CA ASP A 250 15.44 13.33 -23.35
C ASP A 250 14.49 12.33 -22.73
N PHE A 251 14.61 11.07 -23.16
CA PHE A 251 13.70 10.02 -22.76
C PHE A 251 14.39 8.67 -22.82
N ILE A 252 14.22 7.89 -21.75
CA ILE A 252 14.64 6.49 -21.69
C ILE A 252 13.45 5.62 -21.35
N LEU A 253 13.22 4.62 -22.21
CA LEU A 253 12.28 3.53 -21.96
C LEU A 253 13.07 2.30 -21.58
N ASP A 254 12.90 1.89 -20.34
CA ASP A 254 13.55 0.74 -19.76
C ASP A 254 12.58 -0.45 -19.76
N ASN A 255 12.90 -1.41 -20.61
CA ASN A 255 12.21 -2.70 -20.69
C ASN A 255 13.01 -3.86 -20.19
N VAL A 256 14.09 -3.56 -19.48
CA VAL A 256 15.02 -4.58 -18.98
C VAL A 256 15.00 -4.62 -17.44
N GLY A 257 15.13 -3.46 -16.82
CA GLY A 257 15.06 -3.35 -15.37
C GLY A 257 16.23 -3.95 -14.64
N GLY A 258 16.08 -4.06 -13.32
CA GLY A 258 17.16 -4.56 -12.43
C GLY A 258 18.28 -3.57 -12.38
N SER A 259 19.48 -4.01 -12.73
CA SER A 259 20.65 -3.15 -12.62
C SER A 259 20.66 -1.96 -13.59
N THR A 260 19.81 -1.95 -14.62
CA THR A 260 19.79 -0.83 -15.57
C THR A 260 19.56 0.51 -14.86
N GLU A 261 18.75 0.49 -13.80
CA GLU A 261 18.43 1.72 -13.03
C GLU A 261 19.61 2.32 -12.33
N THR A 262 20.62 1.51 -12.06
CA THR A 262 21.82 1.99 -11.39
C THR A 262 22.73 2.83 -12.33
N TRP A 263 22.60 2.69 -13.64
CA TRP A 263 23.44 3.50 -14.57
C TRP A 263 22.65 4.30 -15.63
N ALA A 264 21.51 3.81 -16.07
CA ALA A 264 20.84 4.39 -17.24
C ALA A 264 20.30 5.83 -17.00
N PRO A 265 19.75 6.13 -15.81
CA PRO A 265 19.24 7.49 -15.60
C PRO A 265 20.29 8.56 -15.69
N ASP A 266 21.54 8.16 -15.46
CA ASP A 266 22.67 9.08 -15.51
C ASP A 266 22.92 9.64 -16.91
N PHE A 267 22.32 9.01 -17.94
CA PHE A 267 22.50 9.42 -19.34
C PHE A 267 21.37 10.31 -19.87
N LEU A 268 20.43 10.69 -19.02
CA LEU A 268 19.41 11.69 -19.35
C LEU A 268 19.96 13.11 -19.21
N LYS A 269 19.45 14.04 -20.02
CA LYS A 269 19.68 15.48 -19.77
C LYS A 269 19.11 15.88 -18.41
N LYS A 270 19.85 16.67 -17.66
CA LYS A 270 19.41 17.08 -16.32
C LYS A 270 18.70 18.43 -16.38
N TRP A 271 17.69 18.60 -15.55
CA TRP A 271 17.02 19.91 -15.37
C TRP A 271 16.34 20.40 -16.63
N SER A 272 15.89 19.45 -17.46
CA SER A 272 15.26 19.77 -18.70
C SER A 272 13.96 18.98 -18.90
N GLY A 273 13.43 18.38 -17.84
CA GLY A 273 12.21 17.58 -17.91
C GLY A 273 12.35 16.22 -18.60
N ALA A 274 13.59 15.73 -18.71
CA ALA A 274 13.89 14.42 -19.24
C ALA A 274 13.26 13.35 -18.34
N THR A 275 12.78 12.26 -18.94
CA THR A 275 12.05 11.23 -18.22
C THR A 275 12.60 9.84 -18.45
N TYR A 276 12.64 9.10 -17.37
CA TYR A 276 13.01 7.71 -17.34
C TYR A 276 11.76 6.93 -17.00
N VAL A 277 11.28 6.11 -17.93
CA VAL A 277 10.14 5.26 -17.70
C VAL A 277 10.50 3.81 -17.74
N THR A 278 10.13 3.09 -16.68
CA THR A 278 10.38 1.67 -16.62
C THR A 278 9.09 0.86 -16.63
N LEU A 279 9.15 -0.23 -17.39
CA LEU A 279 8.07 -1.22 -17.45
C LEU A 279 8.35 -2.42 -16.58
N VAL A 280 9.53 -2.48 -15.97
CA VAL A 280 9.91 -3.60 -15.13
C VAL A 280 9.93 -3.11 -13.66
N THR A 281 8.92 -3.54 -12.89
CA THR A 281 8.68 -3.11 -11.50
C THR A 281 8.34 -4.32 -10.58
N PRO A 282 8.49 -4.19 -9.25
CA PRO A 282 8.09 -5.24 -8.31
C PRO A 282 6.64 -5.11 -7.86
N PHE A 283 5.81 -4.42 -8.65
CA PHE A 283 4.43 -4.15 -8.25
C PHE A 283 3.66 -5.42 -7.89
N LEU A 284 3.63 -6.36 -8.82
CA LEU A 284 2.97 -7.66 -8.58
C LEU A 284 3.79 -8.58 -7.69
N LEU A 285 5.12 -8.58 -7.85
CA LEU A 285 5.97 -9.45 -7.06
C LEU A 285 5.88 -9.12 -5.54
N ASN A 286 5.82 -7.84 -5.21
CA ASN A 286 5.72 -7.42 -3.81
C ASN A 286 4.49 -8.00 -3.11
N MET A 287 3.36 -8.04 -3.81
CA MET A 287 2.14 -8.59 -3.25
C MET A 287 2.15 -10.12 -3.18
N ASP A 288 2.80 -10.79 -4.13
CA ASP A 288 2.97 -12.25 -4.08
C ASP A 288 3.79 -12.65 -2.85
N ARG A 289 4.85 -11.90 -2.60
CA ARG A 289 5.79 -12.19 -1.52
C ARG A 289 5.30 -11.76 -0.15
N LEU A 290 4.70 -10.58 -0.06
CA LEU A 290 4.36 -9.98 1.22
C LEU A 290 2.85 -9.91 1.51
N GLY A 291 2.02 -10.27 0.53
CA GLY A 291 0.58 -10.04 0.64
C GLY A 291 0.19 -8.67 0.13
N ILE A 292 -1.11 -8.45 0.00
CA ILE A 292 -1.63 -7.25 -0.62
C ILE A 292 -1.28 -5.99 0.17
N ALA A 293 -1.56 -5.97 1.47
CA ALA A 293 -1.37 -4.75 2.26
C ALA A 293 0.11 -4.40 2.40
N ASP A 294 0.91 -5.37 2.83
CA ASP A 294 2.36 -5.15 3.03
C ASP A 294 3.13 -4.98 1.73
N GLY A 295 2.75 -5.72 0.71
CA GLY A 295 3.33 -5.55 -0.63
C GLY A 295 3.06 -4.16 -1.19
N MET A 296 1.80 -3.73 -1.09
CA MET A 296 1.45 -2.38 -1.51
C MET A 296 2.22 -1.29 -0.74
N LEU A 297 2.44 -1.52 0.56
CA LEU A 297 3.25 -0.61 1.38
C LEU A 297 4.69 -0.49 0.86
N GLN A 298 5.34 -1.64 0.71
CA GLN A 298 6.69 -1.73 0.15
C GLN A 298 6.84 -1.07 -1.21
N THR A 299 5.92 -1.37 -2.11
CA THR A 299 5.85 -0.75 -3.42
C THR A 299 5.79 0.78 -3.28
N GLY A 300 4.97 1.27 -2.36
CA GLY A 300 4.84 2.72 -2.17
C GLY A 300 6.13 3.34 -1.65
N VAL A 301 6.79 2.66 -0.70
CA VAL A 301 8.08 3.15 -0.18
C VAL A 301 9.12 3.26 -1.31
N THR A 302 9.21 2.24 -2.15
CA THR A 302 10.15 2.22 -3.29
C THR A 302 9.85 3.33 -4.27
N VAL A 303 8.57 3.43 -4.65
CA VAL A 303 8.10 4.43 -5.60
C VAL A 303 8.43 5.86 -5.13
N GLY A 304 8.04 6.14 -3.89
CA GLY A 304 8.22 7.44 -3.30
C GLY A 304 9.68 7.83 -3.12
N SER A 305 10.49 6.92 -2.59
CA SER A 305 11.90 7.27 -2.39
C SER A 305 12.59 7.45 -3.75
N LYS A 306 12.31 6.59 -4.73
CA LYS A 306 12.98 6.66 -6.03
C LYS A 306 12.60 7.89 -6.84
N ALA A 307 11.32 8.28 -6.80
CA ALA A 307 10.85 9.48 -7.46
C ALA A 307 11.55 10.71 -6.91
N LEU A 308 11.64 10.84 -5.59
CA LEU A 308 12.26 12.01 -4.96
C LEU A 308 13.76 12.07 -5.26
N LYS A 309 14.41 10.92 -5.17
CA LYS A 309 15.84 10.81 -5.37
C LYS A 309 16.26 11.21 -6.79
N HIS A 310 15.45 10.84 -7.77
CA HIS A 310 15.71 11.22 -9.15
C HIS A 310 15.33 12.64 -9.42
N PHE A 311 14.25 13.10 -8.80
CA PHE A 311 13.91 14.52 -8.82
C PHE A 311 15.07 15.41 -8.35
N TRP A 312 15.67 15.03 -7.25
CA TRP A 312 16.86 15.72 -6.77
C TRP A 312 18.04 15.74 -7.74
N LYS A 313 18.15 14.76 -8.63
CA LYS A 313 19.22 14.72 -9.67
C LYS A 313 18.71 15.25 -11.00
N GLY A 314 17.53 15.85 -10.97
CA GLY A 314 17.01 16.61 -12.11
C GLY A 314 16.31 15.83 -13.18
N VAL A 315 15.77 14.65 -12.84
CA VAL A 315 15.00 13.87 -13.79
C VAL A 315 13.70 13.36 -13.18
N HIS A 316 12.71 13.08 -14.06
CA HIS A 316 11.47 12.39 -13.69
C HIS A 316 11.66 10.90 -13.85
N TYR A 317 11.34 10.17 -12.80
CA TYR A 317 11.38 8.72 -12.76
C TYR A 317 9.95 8.22 -12.62
N ARG A 318 9.53 7.38 -13.54
CA ARG A 318 8.16 6.91 -13.61
C ARG A 318 8.12 5.42 -13.84
N TRP A 319 7.09 4.77 -13.30
CA TRP A 319 6.71 3.40 -13.68
C TRP A 319 5.57 3.49 -14.69
N ALA A 320 5.47 2.51 -15.56
CA ALA A 320 4.33 2.40 -16.49
C ALA A 320 3.85 0.96 -16.53
N PHE A 321 2.56 0.80 -16.86
CA PHE A 321 1.89 -0.50 -16.93
C PHE A 321 1.02 -0.62 -18.17
N PHE A 322 0.93 -1.82 -18.74
CA PHE A 322 -0.17 -2.12 -19.67
C PHE A 322 -1.49 -1.60 -19.11
N MET A 323 -2.29 -0.98 -19.98
CA MET A 323 -3.64 -0.58 -19.70
C MET A 323 -4.46 -0.87 -20.95
N ALA A 324 -5.58 -1.54 -20.81
CA ALA A 324 -6.42 -1.90 -21.93
C ALA A 324 -7.15 -0.64 -22.41
N SER A 325 -7.22 -0.47 -23.73
CA SER A 325 -7.88 0.69 -24.30
C SER A 325 -8.22 0.53 -25.77
N GLY A 326 -9.50 0.44 -26.07
CA GLY A 326 -10.00 0.42 -27.42
C GLY A 326 -9.65 1.71 -28.13
N PRO A 327 -9.87 2.87 -27.49
CA PRO A 327 -9.54 4.14 -28.14
C PRO A 327 -8.07 4.28 -28.52
N CYS A 328 -7.15 3.80 -27.67
CA CYS A 328 -5.73 3.82 -28.01
C CYS A 328 -5.41 2.84 -29.13
N LEU A 329 -6.09 1.70 -29.13
CA LEU A 329 -5.97 0.77 -30.25
C LEU A 329 -6.42 1.36 -31.60
N ASP A 330 -7.46 2.19 -31.61
CA ASP A 330 -7.87 2.90 -32.80
C ASP A 330 -6.79 3.87 -33.32
N ASP A 331 -6.13 4.60 -32.44
CA ASP A 331 -4.97 5.40 -32.86
C ASP A 331 -3.82 4.54 -33.41
N ILE A 332 -3.55 3.38 -32.79
CA ILE A 332 -2.51 2.47 -33.25
C ILE A 332 -2.84 1.88 -34.64
N ALA A 333 -4.10 1.50 -34.84
CA ALA A 333 -4.57 0.95 -36.12
C ALA A 333 -4.41 1.97 -37.25
N GLU A 334 -4.60 3.25 -36.93
CA GLU A 334 -4.41 4.32 -37.89
C GLU A 334 -2.95 4.43 -38.30
N LEU A 335 -2.03 4.32 -37.34
CA LEU A 335 -0.60 4.28 -37.66
C LEU A 335 -0.21 3.06 -38.52
N VAL A 336 -0.71 1.88 -38.17
CA VAL A 336 -0.48 0.67 -38.97
C VAL A 336 -0.95 0.83 -40.41
N ASP A 337 -2.19 1.28 -40.58
CA ASP A 337 -2.81 1.39 -41.91
C ASP A 337 -2.17 2.50 -42.75
N ALA A 338 -1.63 3.54 -42.10
CA ALA A 338 -0.81 4.58 -42.73
C ALA A 338 0.63 4.09 -43.05
N GLY A 339 0.95 2.85 -42.69
CA GLY A 339 2.21 2.26 -43.03
C GLY A 339 3.36 2.62 -42.07
N LYS A 340 3.07 3.20 -40.90
CA LYS A 340 4.11 3.67 -39.95
C LYS A 340 4.57 2.61 -38.96
N ILE A 341 3.74 1.59 -38.76
CA ILE A 341 4.02 0.51 -37.82
C ILE A 341 3.73 -0.80 -38.51
N ARG A 342 4.74 -1.65 -38.47
CA ARG A 342 4.66 -3.00 -38.96
C ARG A 342 4.67 -4.01 -37.82
N PRO A 343 3.96 -5.14 -38.01
CA PRO A 343 4.04 -6.25 -37.06
C PRO A 343 5.39 -6.92 -37.22
N VAL A 344 5.90 -7.47 -36.16
CA VAL A 344 7.19 -8.17 -36.22
C VAL A 344 6.94 -9.53 -35.64
N ILE A 345 6.76 -10.51 -36.50
CA ILE A 345 6.44 -11.84 -36.03
C ILE A 345 7.62 -12.77 -36.27
N GLU A 346 8.11 -13.37 -35.20
CA GLU A 346 9.24 -14.30 -35.21
C GLU A 346 8.72 -15.64 -35.70
N GLN A 347 7.60 -16.09 -35.13
CA GLN A 347 7.11 -17.42 -35.37
C GLN A 347 5.63 -17.53 -35.10
N THR A 348 4.96 -18.44 -35.81
CA THR A 348 3.54 -18.73 -35.57
C THR A 348 3.45 -20.21 -35.24
N PHE A 349 2.48 -20.56 -34.41
CA PHE A 349 2.15 -21.94 -34.04
C PHE A 349 0.64 -22.17 -34.25
N PRO A 350 0.26 -23.39 -34.69
CA PRO A 350 -1.16 -23.72 -34.68
C PRO A 350 -1.71 -23.84 -33.26
N PHE A 351 -3.03 -23.88 -33.14
CA PHE A 351 -3.67 -23.91 -31.84
C PHE A 351 -3.31 -25.14 -31.04
N SER A 352 -3.18 -26.26 -31.75
CA SER A 352 -2.72 -27.51 -31.15
C SER A 352 -1.30 -27.47 -30.58
N LYS A 353 -0.52 -26.42 -30.85
CA LYS A 353 0.84 -26.32 -30.30
C LYS A 353 1.09 -25.14 -29.36
N VAL A 354 0.05 -24.73 -28.62
CA VAL A 354 0.22 -23.70 -27.60
C VAL A 354 1.36 -24.01 -26.57
N PRO A 355 1.43 -25.26 -26.05
CA PRO A 355 2.53 -25.58 -25.13
C PRO A 355 3.90 -25.34 -25.77
N GLU A 356 4.06 -25.67 -27.04
CA GLU A 356 5.34 -25.46 -27.74
C GLU A 356 5.63 -23.96 -27.83
N ALA A 357 4.59 -23.16 -28.09
CA ALA A 357 4.73 -21.72 -28.20
C ALA A 357 5.15 -21.11 -26.87
N PHE A 358 4.61 -21.65 -25.78
CA PHE A 358 4.99 -21.23 -24.45
C PHE A 358 6.46 -21.57 -24.11
N LEU A 359 6.90 -22.79 -24.44
CA LEU A 359 8.30 -23.17 -24.27
C LEU A 359 9.25 -22.27 -25.05
N LYS A 360 8.91 -21.93 -26.28
CA LYS A 360 9.70 -21.01 -27.08
C LYS A 360 9.81 -19.65 -26.41
N VAL A 361 8.68 -19.10 -26.00
CA VAL A 361 8.69 -17.84 -25.27
C VAL A 361 9.51 -18.01 -24.00
N GLU A 362 9.42 -19.15 -23.34
CA GLU A 362 10.05 -19.28 -22.05
C GLU A 362 11.57 -19.33 -22.24
N ARG A 363 12.05 -19.80 -23.38
CA ARG A 363 13.49 -19.82 -23.69
C ARG A 363 14.12 -18.45 -23.95
N GLY A 364 13.33 -17.42 -24.23
CA GLY A 364 13.86 -16.07 -24.29
C GLY A 364 14.41 -15.68 -25.65
N HIS A 365 15.19 -14.61 -25.67
CA HIS A 365 15.72 -14.06 -26.91
C HIS A 365 14.67 -13.76 -27.98
N ALA A 366 13.56 -13.15 -27.56
CA ALA A 366 12.54 -12.77 -28.50
C ALA A 366 13.15 -11.81 -29.51
N ARG A 367 12.78 -12.02 -30.78
CA ARG A 367 12.93 -11.08 -31.89
C ARG A 367 11.52 -10.74 -32.46
N GLY A 368 10.84 -9.82 -31.79
CA GLY A 368 9.42 -9.55 -32.01
C GLY A 368 8.59 -10.63 -31.32
N LYS A 369 7.54 -11.06 -32.02
CA LYS A 369 6.42 -11.80 -31.45
C LYS A 369 6.18 -13.23 -31.93
N THR A 370 5.59 -14.00 -31.02
CA THR A 370 5.10 -15.35 -31.22
C THR A 370 3.54 -15.32 -31.25
N VAL A 371 2.96 -15.75 -32.36
CA VAL A 371 1.57 -15.74 -32.57
C VAL A 371 1.01 -17.17 -32.65
N ILE A 372 -0.18 -17.35 -32.09
CA ILE A 372 -0.99 -18.56 -32.16
C ILE A 372 -2.14 -18.33 -33.13
N ASN A 373 -2.22 -19.21 -34.13
CA ASN A 373 -3.35 -19.21 -35.04
C ASN A 373 -4.43 -20.12 -34.53
N VAL A 374 -5.58 -19.53 -34.22
CA VAL A 374 -6.68 -20.26 -33.59
C VAL A 374 -7.58 -20.75 -34.72
N VAL A 375 -7.91 -19.87 -35.66
CA VAL A 375 -8.51 -20.24 -36.94
C VAL A 375 -7.40 -20.40 -37.97
N GLN B 21 -25.77 -12.40 30.72
CA GLN B 21 -26.38 -11.23 31.42
C GLN B 21 -25.33 -10.35 32.13
N SER B 22 -24.55 -9.59 31.34
CA SER B 22 -23.51 -8.68 31.87
C SER B 22 -23.56 -7.26 31.24
N MET B 23 -23.10 -6.26 32.01
CA MET B 23 -23.30 -4.83 31.70
C MET B 23 -22.20 -4.30 30.75
N ALA B 24 -22.60 -3.41 29.84
CA ALA B 24 -21.69 -2.85 28.87
C ALA B 24 -22.28 -1.65 28.16
N TRP B 25 -21.39 -0.82 27.60
CA TRP B 25 -21.77 0.18 26.63
C TRP B 25 -21.30 -0.30 25.27
N VAL B 26 -22.19 -0.30 24.29
CA VAL B 26 -21.88 -0.78 22.95
C VAL B 26 -22.42 0.17 21.86
N ILE B 27 -21.91 0.00 20.63
CA ILE B 27 -22.50 0.64 19.45
C ILE B 27 -22.92 -0.45 18.44
N ASP B 28 -24.04 -0.21 17.74
CA ASP B 28 -24.58 -1.09 16.70
C ASP B 28 -24.33 -0.52 15.28
N LYS B 29 -23.77 0.69 15.22
CA LYS B 29 -23.49 1.34 13.95
C LYS B 29 -22.51 2.46 14.24
N TYR B 30 -21.65 2.74 13.29
CA TYR B 30 -20.78 3.90 13.40
C TYR B 30 -21.65 5.15 13.30
N GLY B 31 -21.24 6.22 13.95
CA GLY B 31 -21.89 7.51 13.82
C GLY B 31 -21.54 8.42 14.97
N LYS B 32 -22.40 9.41 15.21
CA LYS B 32 -22.19 10.42 16.24
C LYS B 32 -22.51 9.82 17.61
N ASN B 33 -22.38 10.61 18.67
CA ASN B 33 -22.41 10.06 20.02
C ASN B 33 -23.71 9.29 20.36
N GLU B 34 -24.80 9.68 19.69
CA GLU B 34 -26.10 9.01 19.82
C GLU B 34 -26.06 7.48 19.66
N VAL B 35 -25.05 6.93 18.97
CA VAL B 35 -24.95 5.48 18.78
C VAL B 35 -24.54 4.67 20.04
N LEU B 36 -24.05 5.35 21.09
CA LEU B 36 -23.71 4.64 22.34
C LEU B 36 -24.96 4.09 23.01
N ARG B 37 -24.91 2.80 23.39
CA ARG B 37 -26.07 2.12 23.99
C ARG B 37 -25.65 1.29 25.19
N PHE B 38 -26.34 1.50 26.31
CA PHE B 38 -26.12 0.71 27.51
C PHE B 38 -26.94 -0.56 27.43
N THR B 39 -26.30 -1.70 27.74
CA THR B 39 -27.01 -2.97 27.81
C THR B 39 -26.55 -3.83 28.97
N GLN B 40 -27.49 -4.60 29.51
CA GLN B 40 -27.22 -5.60 30.54
C GLN B 40 -27.31 -7.00 29.97
N ASN B 41 -27.40 -7.10 28.64
CA ASN B 41 -27.52 -8.38 27.94
C ASN B 41 -26.26 -8.76 27.22
N MET B 42 -25.13 -8.15 27.56
CA MET B 42 -23.90 -8.55 26.89
C MET B 42 -23.51 -9.95 27.33
N MET B 43 -23.23 -10.81 26.34
CA MET B 43 -22.84 -12.19 26.61
C MET B 43 -21.52 -12.15 27.37
N MET B 44 -21.42 -12.99 28.41
CA MET B 44 -20.25 -13.06 29.27
C MET B 44 -18.98 -13.30 28.43
N PRO B 45 -17.94 -12.44 28.57
CA PRO B 45 -16.67 -12.83 27.93
C PRO B 45 -16.23 -14.27 28.29
N ILE B 46 -15.81 -15.02 27.26
CA ILE B 46 -15.33 -16.40 27.40
C ILE B 46 -13.84 -16.50 26.98
N ILE B 47 -13.11 -17.37 27.67
CA ILE B 47 -11.74 -17.71 27.32
C ILE B 47 -11.81 -18.72 26.15
N HIS B 48 -11.60 -18.22 24.94
CA HIS B 48 -11.52 -19.08 23.76
C HIS B 48 -10.14 -19.75 23.65
N TYR B 49 -9.07 -19.06 24.03
CA TYR B 49 -7.71 -19.59 23.93
C TYR B 49 -7.05 -19.73 25.28
N PRO B 50 -6.13 -20.70 25.42
CA PRO B 50 -5.55 -21.01 26.74
C PRO B 50 -4.56 -19.98 27.31
N ASN B 51 -4.22 -18.95 26.54
CA ASN B 51 -3.37 -17.85 27.03
C ASN B 51 -4.16 -16.64 27.49
N GLU B 52 -5.48 -16.70 27.43
CA GLU B 52 -6.31 -15.56 27.80
C GLU B 52 -6.60 -15.52 29.31
N VAL B 53 -6.94 -14.31 29.74
CA VAL B 53 -7.25 -13.96 31.12
C VAL B 53 -8.58 -13.15 31.06
N ILE B 54 -9.52 -13.43 31.98
CA ILE B 54 -10.74 -12.61 32.11
C ILE B 54 -10.57 -11.68 33.32
N VAL B 55 -10.74 -10.38 33.08
CA VAL B 55 -10.49 -9.35 34.09
C VAL B 55 -11.82 -8.65 34.38
N LYS B 56 -12.12 -8.44 35.65
CA LYS B 56 -13.29 -7.63 36.05
C LYS B 56 -12.83 -6.18 36.00
N VAL B 57 -13.50 -5.38 35.18
CA VAL B 57 -13.12 -3.99 34.98
C VAL B 57 -13.57 -3.13 36.19
N HIS B 58 -12.60 -2.57 36.90
CA HIS B 58 -12.84 -1.58 37.96
C HIS B 58 -12.83 -0.14 37.42
N ALA B 59 -11.88 0.18 36.54
CA ALA B 59 -11.92 1.47 35.83
C ALA B 59 -11.39 1.35 34.40
N ALA B 60 -11.83 2.28 33.56
CA ALA B 60 -11.40 2.42 32.17
C ALA B 60 -11.17 3.90 31.88
N SER B 61 -10.54 4.22 30.76
CA SER B 61 -10.37 5.62 30.37
C SER B 61 -10.95 5.79 29.00
N VAL B 62 -11.14 7.04 28.58
CA VAL B 62 -11.57 7.34 27.23
C VAL B 62 -10.40 8.00 26.54
N ASN B 63 -10.13 7.53 25.33
CA ASN B 63 -9.03 8.00 24.52
C ASN B 63 -9.61 8.60 23.25
N PRO B 64 -8.86 9.48 22.58
CA PRO B 64 -9.38 9.99 21.33
C PRO B 64 -9.70 8.89 20.31
N ILE B 65 -8.98 7.77 20.34
CA ILE B 65 -9.25 6.63 19.45
C ILE B 65 -10.66 6.03 19.67
N ASP B 66 -11.20 6.13 20.88
CA ASP B 66 -12.58 5.69 21.17
C ASP B 66 -13.65 6.50 20.44
N VAL B 67 -13.52 7.83 20.52
CA VAL B 67 -14.42 8.75 19.84
C VAL B 67 -14.34 8.58 18.33
N ASN B 68 -13.11 8.47 17.83
CA ASN B 68 -12.87 8.33 16.39
C ASN B 68 -13.37 6.99 15.86
N MET B 69 -13.11 5.92 16.61
CA MET B 69 -13.61 4.61 16.23
C MET B 69 -15.12 4.52 16.26
N ARG B 70 -15.76 5.20 17.21
CA ARG B 70 -17.23 5.21 17.26
C ARG B 70 -17.78 5.79 15.96
N SER B 71 -17.08 6.80 15.43
CA SER B 71 -17.46 7.46 14.17
C SER B 71 -17.10 6.63 12.96
N GLY B 72 -16.34 5.56 13.13
CA GLY B 72 -15.98 4.66 12.04
C GLY B 72 -14.55 4.69 11.55
N TYR B 73 -13.70 5.45 12.25
CA TYR B 73 -12.29 5.63 11.92
C TYR B 73 -11.55 4.32 12.11
N GLY B 74 -10.79 3.92 11.07
CA GLY B 74 -10.01 2.69 11.05
C GLY B 74 -10.79 1.41 10.80
N ALA B 75 -12.10 1.52 10.57
CA ALA B 75 -12.99 0.35 10.48
C ALA B 75 -12.54 -0.67 9.45
N THR B 76 -12.20 -0.17 8.25
CA THR B 76 -11.62 -0.98 7.16
C THR B 76 -10.37 -1.75 7.60
N ALA B 77 -9.41 -1.05 8.17
CA ALA B 77 -8.19 -1.72 8.58
C ALA B 77 -8.48 -2.69 9.74
N LEU B 78 -9.31 -2.26 10.68
CA LEU B 78 -9.59 -3.03 11.91
C LEU B 78 -10.41 -4.27 11.63
N ASN B 79 -11.32 -4.21 10.68
CA ASN B 79 -12.05 -5.40 10.28
C ASN B 79 -11.16 -6.44 9.59
N MET B 80 -10.11 -6.01 8.91
CA MET B 80 -9.11 -6.93 8.36
C MET B 80 -8.39 -7.67 9.49
N LYS B 81 -8.18 -7.01 10.63
CA LYS B 81 -7.57 -7.62 11.82
C LYS B 81 -8.55 -8.49 12.58
N ARG B 82 -9.81 -8.08 12.64
CA ARG B 82 -10.84 -8.87 13.30
C ARG B 82 -11.07 -10.16 12.54
N ASP B 83 -10.96 -10.11 11.21
CA ASP B 83 -11.18 -11.29 10.41
C ASP B 83 -10.12 -11.50 9.34
N PRO B 84 -8.99 -12.14 9.72
CA PRO B 84 -7.87 -12.43 8.82
C PRO B 84 -8.27 -13.16 7.54
N LEU B 85 -9.21 -14.10 7.65
CA LEU B 85 -9.57 -14.99 6.54
C LEU B 85 -10.75 -14.48 5.71
N HIS B 86 -11.18 -13.24 5.97
CA HIS B 86 -12.46 -12.71 5.48
C HIS B 86 -13.55 -13.79 5.30
N VAL B 87 -13.94 -14.40 6.41
CA VAL B 87 -15.08 -15.31 6.46
C VAL B 87 -16.30 -14.64 7.14
N LYS B 88 -16.13 -13.41 7.64
CA LYS B 88 -17.18 -12.69 8.38
C LYS B 88 -18.00 -11.77 7.46
N ILE B 89 -19.33 -11.80 7.63
CA ILE B 89 -20.24 -10.90 6.92
C ILE B 89 -20.12 -9.47 7.47
N LYS B 90 -20.45 -8.48 6.63
CA LYS B 90 -20.28 -7.07 6.98
C LYS B 90 -21.22 -6.70 8.13
N GLY B 91 -20.68 -5.95 9.09
CA GLY B 91 -21.42 -5.57 10.29
C GLY B 91 -21.14 -6.46 11.49
N GLU B 92 -20.41 -7.56 11.29
CA GLU B 92 -20.24 -8.57 12.35
C GLU B 92 -19.35 -8.15 13.50
N GLU B 93 -18.67 -7.01 13.38
CA GLU B 93 -18.01 -6.44 14.54
C GLU B 93 -19.03 -5.90 15.56
N PHE B 94 -20.30 -5.75 15.16
CA PHE B 94 -21.35 -5.25 16.06
C PHE B 94 -22.12 -6.37 16.76
N PRO B 95 -22.54 -6.13 18.03
CA PRO B 95 -22.31 -4.93 18.85
C PRO B 95 -20.86 -4.77 19.30
N LEU B 96 -20.37 -3.53 19.28
CA LEU B 96 -18.97 -3.27 19.51
C LEU B 96 -18.81 -2.51 20.81
N THR B 97 -17.97 -3.04 21.71
CA THR B 97 -17.59 -2.39 22.97
C THR B 97 -16.24 -1.69 22.80
N LEU B 98 -16.27 -0.37 22.92
CA LEU B 98 -15.10 0.47 22.90
C LEU B 98 -14.44 0.52 24.28
N GLY B 99 -13.35 1.28 24.39
CA GLY B 99 -12.53 1.32 25.58
C GLY B 99 -11.27 0.52 25.39
N ARG B 100 -10.10 1.16 25.59
CA ARG B 100 -8.80 0.45 25.41
C ARG B 100 -8.12 0.11 26.71
N ASP B 101 -8.39 0.91 27.73
CA ASP B 101 -7.70 0.86 29.03
C ASP B 101 -8.55 0.11 30.08
N VAL B 102 -7.90 -0.73 30.87
CA VAL B 102 -8.53 -1.39 32.00
C VAL B 102 -7.57 -1.42 33.16
N SER B 103 -8.12 -1.19 34.36
CA SER B 103 -7.52 -1.59 35.63
C SER B 103 -8.59 -2.40 36.36
N GLY B 104 -8.20 -3.56 36.89
CA GLY B 104 -9.12 -4.44 37.57
C GLY B 104 -8.49 -5.68 38.17
N VAL B 105 -9.29 -6.73 38.28
CA VAL B 105 -8.91 -7.94 39.02
C VAL B 105 -9.14 -9.19 38.15
N VAL B 106 -8.15 -10.08 38.10
CA VAL B 106 -8.27 -11.34 37.37
C VAL B 106 -9.33 -12.24 37.99
N MET B 107 -10.36 -12.56 37.19
CA MET B 107 -11.39 -13.53 37.56
C MET B 107 -11.01 -14.97 37.20
N GLU B 108 -10.40 -15.18 36.03
CA GLU B 108 -10.09 -16.53 35.54
C GLU B 108 -8.94 -16.49 34.55
N CYS B 109 -8.21 -17.60 34.47
CA CYS B 109 -7.05 -17.73 33.57
C CYS B 109 -7.08 -19.01 32.74
N GLY B 110 -6.59 -18.93 31.49
CA GLY B 110 -6.44 -20.10 30.65
C GLY B 110 -5.36 -21.03 31.19
N LEU B 111 -5.36 -22.28 30.72
CA LEU B 111 -4.43 -23.29 31.25
C LEU B 111 -2.95 -22.93 31.01
N ASP B 112 -2.67 -22.10 30.02
CA ASP B 112 -1.30 -21.73 29.69
C ASP B 112 -0.87 -20.41 30.33
N VAL B 113 -1.80 -19.65 30.89
CA VAL B 113 -1.42 -18.41 31.56
C VAL B 113 -0.63 -18.80 32.82
N LYS B 114 0.58 -18.25 32.91
CA LYS B 114 1.58 -18.69 33.90
C LYS B 114 1.66 -17.74 35.10
N TYR B 115 1.86 -16.46 34.82
CA TYR B 115 2.24 -15.49 35.87
C TYR B 115 1.07 -14.74 36.50
N PHE B 116 -0.16 -15.18 36.22
CA PHE B 116 -1.36 -14.53 36.74
C PHE B 116 -2.31 -15.56 37.32
N LYS B 117 -2.82 -15.28 38.51
CA LYS B 117 -3.80 -16.16 39.17
C LYS B 117 -5.07 -15.35 39.45
N PRO B 118 -6.22 -16.04 39.63
CA PRO B 118 -7.40 -15.29 40.04
C PRO B 118 -7.16 -14.46 41.29
N GLY B 119 -7.65 -13.23 41.27
CA GLY B 119 -7.49 -12.32 42.40
C GLY B 119 -6.43 -11.27 42.18
N ASP B 120 -5.60 -11.47 41.15
CA ASP B 120 -4.50 -10.57 40.83
C ASP B 120 -5.04 -9.26 40.32
N GLU B 121 -4.38 -8.18 40.76
CA GLU B 121 -4.73 -6.82 40.35
C GLU B 121 -3.88 -6.41 39.17
N VAL B 122 -4.54 -6.07 38.08
CA VAL B 122 -3.90 -6.00 36.78
C VAL B 122 -4.37 -4.75 36.05
N TRP B 123 -3.60 -4.39 35.05
CA TRP B 123 -3.94 -3.32 34.13
C TRP B 123 -3.48 -3.79 32.73
N ALA B 124 -4.14 -3.25 31.72
CA ALA B 124 -3.84 -3.62 30.35
C ALA B 124 -4.33 -2.51 29.43
N ALA B 125 -3.72 -2.44 28.24
CA ALA B 125 -4.28 -1.77 27.06
C ALA B 125 -4.60 -2.88 26.06
N VAL B 126 -5.86 -2.88 25.62
CA VAL B 126 -6.38 -3.87 24.71
C VAL B 126 -6.18 -3.29 23.29
N PRO B 127 -5.71 -4.12 22.35
CA PRO B 127 -5.59 -3.68 20.96
C PRO B 127 -6.94 -3.29 20.40
N PRO B 128 -6.97 -2.28 19.51
CA PRO B 128 -8.19 -1.70 18.96
C PRO B 128 -9.11 -2.64 18.20
N TRP B 129 -8.58 -3.76 17.72
CA TRP B 129 -9.37 -4.72 16.97
C TRP B 129 -10.01 -5.78 17.87
N LYS B 130 -9.86 -5.63 19.19
CA LYS B 130 -10.49 -6.52 20.15
C LYS B 130 -11.59 -5.78 20.91
N GLN B 131 -12.55 -6.56 21.44
CA GLN B 131 -13.62 -5.98 22.24
C GLN B 131 -13.02 -5.27 23.43
N GLY B 132 -13.58 -4.10 23.71
CA GLY B 132 -12.98 -3.17 24.64
C GLY B 132 -13.44 -3.28 26.08
N THR B 133 -13.13 -2.24 26.82
CA THR B 133 -13.11 -2.29 28.28
C THR B 133 -14.27 -1.53 28.93
N LEU B 134 -15.17 -0.96 28.12
CA LEU B 134 -16.35 -0.26 28.68
C LEU B 134 -17.51 -1.25 28.93
N SER B 135 -17.23 -2.20 29.81
CA SER B 135 -18.13 -3.24 30.20
C SER B 135 -17.62 -3.87 31.49
N GLU B 136 -18.40 -4.79 32.03
CA GLU B 136 -18.16 -5.38 33.33
C GLU B 136 -16.91 -6.28 33.32
N PHE B 137 -16.69 -6.97 32.22
CA PHE B 137 -15.55 -7.87 32.06
C PHE B 137 -14.89 -7.67 30.71
N VAL B 138 -13.61 -8.00 30.62
CA VAL B 138 -12.88 -8.00 29.34
C VAL B 138 -11.94 -9.20 29.25
N VAL B 139 -11.88 -9.81 28.07
CA VAL B 139 -10.89 -10.85 27.81
C VAL B 139 -9.66 -10.18 27.21
N VAL B 140 -8.50 -10.43 27.81
CA VAL B 140 -7.23 -9.93 27.32
C VAL B 140 -6.28 -11.11 27.22
N SER B 141 -5.27 -10.98 26.35
CA SER B 141 -4.20 -11.96 26.27
C SER B 141 -3.14 -11.78 27.36
N GLY B 142 -2.55 -12.89 27.79
CA GLY B 142 -1.51 -12.87 28.82
C GLY B 142 -0.39 -11.90 28.50
N ASN B 143 0.01 -11.86 27.24
CA ASN B 143 1.05 -10.93 26.79
C ASN B 143 0.63 -9.46 26.75
N GLU B 144 -0.66 -9.17 26.95
CA GLU B 144 -1.18 -7.80 26.98
C GLU B 144 -1.37 -7.31 28.41
N VAL B 145 -1.39 -8.24 29.37
CA VAL B 145 -1.69 -7.94 30.77
C VAL B 145 -0.42 -7.81 31.64
N SER B 146 -0.53 -6.92 32.65
CA SER B 146 0.54 -6.59 33.59
C SER B 146 -0.05 -6.47 34.98
N HIS B 147 0.74 -6.75 36.01
CA HIS B 147 0.37 -6.38 37.36
C HIS B 147 0.39 -4.87 37.50
N LYS B 148 -0.70 -4.31 38.02
CA LYS B 148 -0.84 -2.84 38.09
C LYS B 148 0.05 -2.28 39.19
N PRO B 149 0.41 -1.00 39.09
CA PRO B 149 1.15 -0.35 40.18
C PRO B 149 0.36 -0.36 41.51
N LYS B 150 1.04 -0.77 42.58
CA LYS B 150 0.43 -0.89 43.91
C LYS B 150 0.12 0.48 44.51
N SER B 151 0.82 1.50 44.02
CA SER B 151 0.72 2.86 44.56
C SER B 151 -0.38 3.66 43.90
N LEU B 152 -1.13 3.05 42.99
CA LEU B 152 -2.25 3.70 42.32
C LEU B 152 -3.55 3.01 42.64
N THR B 153 -4.60 3.81 42.72
CA THR B 153 -5.95 3.29 42.76
C THR B 153 -6.28 2.71 41.38
N HIS B 154 -7.40 1.99 41.25
CA HIS B 154 -7.88 1.55 39.91
C HIS B 154 -8.21 2.74 38.97
N THR B 155 -8.87 3.75 39.52
CA THR B 155 -9.16 4.99 38.79
C THR B 155 -7.88 5.57 38.17
N GLN B 156 -6.86 5.73 39.02
CA GLN B 156 -5.57 6.25 38.59
C GLN B 156 -4.84 5.38 37.60
N ALA B 157 -4.71 4.09 37.92
CA ALA B 157 -4.03 3.14 37.04
C ALA B 157 -4.67 3.04 35.66
N ALA B 158 -6.02 3.09 35.61
CA ALA B 158 -6.78 2.94 34.36
C ALA B 158 -6.50 4.09 33.37
N SER B 159 -6.00 5.22 33.89
CA SER B 159 -5.71 6.39 33.07
C SER B 159 -4.50 6.20 32.16
N LEU B 160 -3.68 5.18 32.42
CA LEU B 160 -2.33 5.12 31.88
C LEU B 160 -2.00 4.18 30.73
N PRO B 161 -2.62 2.98 30.65
CA PRO B 161 -1.96 2.01 29.76
C PRO B 161 -1.86 2.37 28.28
N TYR B 162 -2.92 2.87 27.67
CA TYR B 162 -2.90 3.19 26.26
C TYR B 162 -1.93 4.32 25.96
N VAL B 163 -2.07 5.44 26.68
CA VAL B 163 -1.17 6.60 26.46
C VAL B 163 0.30 6.31 26.81
N ALA B 164 0.52 5.59 27.92
CA ALA B 164 1.87 5.11 28.30
C ALA B 164 2.51 4.20 27.26
N LEU B 165 1.75 3.27 26.72
CA LEU B 165 2.32 2.35 25.74
C LEU B 165 2.57 3.03 24.38
N THR B 166 1.75 4.03 24.08
CA THR B 166 1.92 4.83 22.89
C THR B 166 3.20 5.67 22.98
N ALA B 167 3.33 6.40 24.08
CA ALA B 167 4.55 7.15 24.38
C ALA B 167 5.80 6.22 24.40
N TRP B 168 5.66 5.08 25.06
CA TRP B 168 6.77 4.13 25.16
C TRP B 168 7.23 3.61 23.79
N SER B 169 6.26 3.41 22.91
CA SER B 169 6.53 2.95 21.60
C SER B 169 7.32 4.00 20.83
N ALA B 170 6.86 5.23 20.89
CA ALA B 170 7.49 6.37 20.24
C ALA B 170 8.91 6.65 20.75
N ILE B 171 9.06 6.65 22.07
CA ILE B 171 10.30 7.09 22.74
C ILE B 171 11.36 6.00 22.84
N ASN B 172 10.94 4.83 23.33
CA ASN B 172 11.85 3.72 23.61
C ASN B 172 12.00 2.80 22.40
N LYS B 173 10.90 2.31 21.87
CA LYS B 173 10.97 1.31 20.81
C LYS B 173 11.43 1.95 19.51
N VAL B 174 10.72 2.97 19.06
CA VAL B 174 11.02 3.67 17.79
C VAL B 174 12.14 4.67 17.98
N GLY B 175 12.05 5.51 19.00
CA GLY B 175 13.04 6.58 19.21
C GLY B 175 14.42 6.16 19.72
N GLY B 176 14.49 4.98 20.35
CA GLY B 176 15.77 4.45 20.84
C GLY B 176 16.21 4.96 22.21
N LEU B 177 15.34 5.70 22.89
CA LEU B 177 15.73 6.33 24.14
C LEU B 177 15.42 5.45 25.34
N ASN B 178 16.31 5.48 26.33
CA ASN B 178 16.14 4.69 27.55
C ASN B 178 16.80 5.31 28.79
N ASP B 179 16.63 4.62 29.91
CA ASP B 179 17.16 5.09 31.19
C ASP B 179 18.66 5.30 31.18
N LYS B 180 19.37 4.74 30.21
CA LYS B 180 20.83 4.81 30.20
C LYS B 180 21.39 5.90 29.28
N ASN B 181 20.63 6.28 28.25
CA ASN B 181 21.15 7.12 27.19
C ASN B 181 20.49 8.50 27.02
N CYS B 182 19.65 8.90 27.98
CA CYS B 182 18.94 10.19 27.90
C CYS B 182 19.59 11.35 28.61
N THR B 183 20.60 11.07 29.45
CA THR B 183 21.19 12.09 30.31
C THR B 183 21.68 13.27 29.50
N GLY B 184 21.04 14.41 29.74
CA GLY B 184 21.45 15.65 29.11
C GLY B 184 21.11 15.71 27.64
N LYS B 185 20.22 14.82 27.18
CA LYS B 185 19.66 14.94 25.84
C LYS B 185 18.59 16.01 25.93
N ARG B 186 18.41 16.75 24.84
CA ARG B 186 17.35 17.75 24.71
C ARG B 186 16.17 17.22 23.92
N VAL B 187 15.02 17.21 24.55
CA VAL B 187 13.81 16.65 23.98
C VAL B 187 12.73 17.73 23.91
N LEU B 188 12.07 17.78 22.76
CA LEU B 188 10.94 18.67 22.50
C LEU B 188 9.66 17.85 22.32
N ILE B 189 8.65 18.14 23.14
CA ILE B 189 7.33 17.48 23.07
C ILE B 189 6.27 18.46 22.54
N LEU B 190 5.80 18.21 21.33
CA LEU B 190 4.75 19.02 20.71
C LEU B 190 3.43 18.39 21.06
N GLY B 191 2.64 19.08 21.89
CA GLY B 191 1.40 18.52 22.39
C GLY B 191 1.58 17.94 23.77
N ALA B 192 2.12 18.74 24.68
CA ALA B 192 2.61 18.24 25.97
C ALA B 192 1.54 18.08 27.04
N SER B 193 0.36 18.68 26.83
CA SER B 193 -0.69 18.75 27.87
C SER B 193 -1.72 17.61 27.88
N GLY B 194 -1.75 16.76 26.85
CA GLY B 194 -2.75 15.67 26.82
C GLY B 194 -2.31 14.37 27.49
N GLY B 195 -3.01 13.29 27.21
CA GLY B 195 -2.70 12.00 27.81
C GLY B 195 -1.29 11.52 27.52
N VAL B 196 -0.88 11.60 26.27
CA VAL B 196 0.42 11.09 25.88
C VAL B 196 1.48 12.05 26.39
N GLY B 197 1.21 13.34 26.21
CA GLY B 197 2.19 14.37 26.51
C GLY B 197 2.54 14.44 27.97
N THR B 198 1.52 14.31 28.84
CA THR B 198 1.74 14.38 30.28
C THR B 198 2.55 13.20 30.79
N PHE B 199 2.37 12.03 30.17
CA PHE B 199 3.21 10.86 30.46
C PHE B 199 4.68 11.03 29.94
N ALA B 200 4.81 11.44 28.69
CA ALA B 200 6.06 11.69 28.00
C ALA B 200 7.01 12.65 28.73
N ILE B 201 6.47 13.74 29.28
CA ILE B 201 7.28 14.70 30.06
C ILE B 201 7.95 13.98 31.21
N GLN B 202 7.15 13.20 31.92
CA GLN B 202 7.61 12.53 33.14
C GLN B 202 8.61 11.40 32.88
N VAL B 203 8.35 10.55 31.89
CA VAL B 203 9.29 9.46 31.61
C VAL B 203 10.65 10.04 31.16
N MET B 204 10.62 11.09 30.35
CA MET B 204 11.89 11.76 29.92
C MET B 204 12.62 12.39 31.05
N LYS B 205 11.89 13.06 31.94
CA LYS B 205 12.54 13.55 33.18
C LYS B 205 13.00 12.38 34.06
N ALA B 206 12.26 11.28 34.14
CA ALA B 206 12.73 10.11 34.89
C ALA B 206 14.11 9.65 34.39
N TRP B 207 14.35 9.83 33.09
CA TRP B 207 15.62 9.41 32.49
C TRP B 207 16.63 10.56 32.35
N ASP B 208 16.35 11.70 32.96
CA ASP B 208 17.31 12.84 33.07
C ASP B 208 17.55 13.57 31.75
N ALA B 209 16.55 13.55 30.88
CA ALA B 209 16.56 14.43 29.71
C ALA B 209 16.14 15.84 30.14
N HIS B 210 16.55 16.82 29.35
CA HIS B 210 16.00 18.17 29.43
C HIS B 210 14.77 18.27 28.52
N VAL B 211 13.64 18.75 29.05
CA VAL B 211 12.33 18.70 28.37
C VAL B 211 11.80 20.11 28.07
N THR B 212 11.53 20.37 26.79
CA THR B 212 10.90 21.61 26.32
C THR B 212 9.52 21.19 25.86
N ALA B 213 8.48 21.78 26.45
CA ALA B 213 7.07 21.43 26.21
C ALA B 213 6.37 22.58 25.44
N VAL B 214 5.67 22.23 24.37
CA VAL B 214 4.88 23.18 23.57
C VAL B 214 3.42 22.84 23.85
N CYS B 215 2.68 23.83 24.33
CA CYS B 215 1.29 23.64 24.71
C CYS B 215 0.62 25.02 24.86
N SER B 216 -0.67 25.02 25.19
CA SER B 216 -1.43 26.25 25.45
C SER B 216 -0.95 26.97 26.69
N GLN B 217 -1.05 28.30 26.68
CA GLN B 217 -0.72 29.11 27.86
C GLN B 217 -1.24 28.49 29.17
N ASP B 218 -2.52 28.17 29.21
CA ASP B 218 -3.18 27.68 30.42
C ASP B 218 -2.81 26.28 30.86
N ALA B 219 -2.19 25.49 29.96
CA ALA B 219 -1.61 24.18 30.35
C ALA B 219 -0.23 24.31 31.01
N SER B 220 0.35 25.51 30.99
CA SER B 220 1.75 25.72 31.37
C SER B 220 2.15 25.33 32.79
N GLU B 221 1.32 25.67 33.78
CA GLU B 221 1.62 25.29 35.17
C GLU B 221 1.58 23.79 35.29
N LEU B 222 0.58 23.15 34.72
CA LEU B 222 0.54 21.69 34.75
C LEU B 222 1.82 21.06 34.19
N VAL B 223 2.25 21.50 33.00
CA VAL B 223 3.40 20.84 32.35
C VAL B 223 4.68 21.12 33.13
N ARG B 224 4.79 22.31 33.70
CA ARG B 224 5.92 22.65 34.58
C ARG B 224 5.98 21.78 35.83
N LYS B 225 4.85 21.56 36.50
CA LYS B 225 4.77 20.69 37.68
C LYS B 225 5.11 19.23 37.35
N LEU B 226 4.87 18.81 36.11
CA LEU B 226 5.21 17.45 35.68
C LEU B 226 6.70 17.32 35.35
N GLY B 227 7.39 18.46 35.28
CA GLY B 227 8.84 18.47 35.11
C GLY B 227 9.39 19.15 33.88
N ALA B 228 8.55 19.78 33.06
CA ALA B 228 9.05 20.43 31.85
C ALA B 228 9.98 21.58 32.25
N ASP B 229 11.17 21.61 31.65
CA ASP B 229 12.19 22.63 31.93
C ASP B 229 11.87 23.96 31.24
N ASP B 230 11.44 23.88 29.99
CA ASP B 230 10.96 25.02 29.22
C ASP B 230 9.56 24.75 28.71
N VAL B 231 8.75 25.80 28.66
CA VAL B 231 7.37 25.71 28.17
C VAL B 231 7.15 26.84 27.15
N ILE B 232 6.69 26.49 25.95
CA ILE B 232 6.39 27.45 24.88
C ILE B 232 4.88 27.43 24.58
N ASP B 233 4.24 28.59 24.69
CA ASP B 233 2.84 28.81 24.32
C ASP B 233 2.72 28.85 22.80
N TYR B 234 2.09 27.84 22.22
CA TYR B 234 2.05 27.75 20.76
C TYR B 234 1.18 28.82 20.15
N LYS B 235 0.36 29.46 20.97
CA LYS B 235 -0.49 30.57 20.53
C LYS B 235 0.13 31.99 20.75
N SER B 236 1.40 32.06 21.17
CA SER B 236 2.06 33.35 21.47
C SER B 236 2.47 34.08 20.20
N GLY B 237 2.56 33.34 19.10
CA GLY B 237 2.94 33.90 17.81
C GLY B 237 4.43 34.17 17.65
N SER B 238 5.24 33.65 18.58
CA SER B 238 6.69 33.79 18.52
C SER B 238 7.37 32.41 18.50
N VAL B 239 6.60 31.33 18.28
CA VAL B 239 7.09 29.95 18.46
C VAL B 239 8.44 29.65 17.78
N GLU B 240 8.56 29.97 16.50
CA GLU B 240 9.75 29.67 15.72
C GLU B 240 10.93 30.54 16.18
N GLU B 241 10.66 31.80 16.50
CA GLU B 241 11.71 32.67 17.02
C GLU B 241 12.15 32.21 18.42
N GLN B 242 11.24 31.54 19.14
CA GLN B 242 11.52 31.10 20.50
C GLN B 242 12.39 29.85 20.44
N LEU B 243 12.01 28.91 19.58
CA LEU B 243 12.79 27.70 19.36
C LEU B 243 14.15 28.04 18.77
N LYS B 244 14.20 29.07 17.91
CA LYS B 244 15.47 29.58 17.35
C LYS B 244 16.42 30.12 18.42
N SER B 245 15.88 30.62 19.54
CA SER B 245 16.72 31.14 20.64
C SER B 245 17.19 30.05 21.59
N LEU B 246 16.69 28.83 21.39
CA LEU B 246 17.09 27.69 22.20
C LEU B 246 18.13 26.86 21.41
N LYS B 247 18.91 26.03 22.09
CA LYS B 247 19.78 25.07 21.42
C LYS B 247 18.95 24.01 20.68
N PRO B 248 19.55 23.33 19.69
CA PRO B 248 18.78 22.33 18.99
C PRO B 248 18.54 21.09 19.82
N PHE B 249 17.66 20.25 19.31
CA PHE B 249 17.13 19.11 20.03
C PHE B 249 17.70 17.81 19.51
N ASP B 250 17.76 16.81 20.39
CA ASP B 250 18.22 15.48 20.07
C ASP B 250 17.03 14.60 19.68
N PHE B 251 15.85 14.98 20.15
CA PHE B 251 14.68 14.17 19.95
C PHE B 251 13.44 15.06 19.91
N ILE B 252 12.56 14.85 18.94
CA ILE B 252 11.24 15.53 18.91
C ILE B 252 10.14 14.51 18.89
N LEU B 253 9.20 14.64 19.84
CA LEU B 253 7.96 13.85 19.86
C LEU B 253 6.82 14.70 19.37
N ASP B 254 6.27 14.31 18.23
CA ASP B 254 5.22 15.09 17.59
C ASP B 254 3.88 14.40 17.84
N ASN B 255 3.09 15.04 18.70
CA ASN B 255 1.74 14.61 18.99
C ASN B 255 0.64 15.49 18.46
N VAL B 256 0.98 16.38 17.54
CA VAL B 256 0.04 17.34 16.99
C VAL B 256 -0.17 17.04 15.49
N GLY B 257 0.92 16.86 14.75
CA GLY B 257 0.86 16.54 13.34
C GLY B 257 0.57 17.74 12.47
N GLY B 258 0.27 17.46 11.21
CA GLY B 258 -0.06 18.48 10.23
C GLY B 258 1.16 19.31 9.89
N SER B 259 0.96 20.62 9.94
CA SER B 259 1.97 21.59 9.56
C SER B 259 3.20 21.57 10.45
N THR B 260 3.12 20.89 11.60
CA THR B 260 4.24 20.79 12.54
C THR B 260 5.49 20.29 11.82
N GLU B 261 5.32 19.33 10.91
CA GLU B 261 6.44 18.77 10.16
C GLU B 261 7.10 19.73 9.20
N THR B 262 6.44 20.85 8.90
CA THR B 262 7.03 21.83 7.97
C THR B 262 8.06 22.73 8.66
N TRP B 263 8.05 22.81 9.99
CA TRP B 263 8.99 23.65 10.71
C TRP B 263 9.69 22.96 11.89
N ALA B 264 9.04 22.01 12.56
CA ALA B 264 9.64 21.41 13.75
C ALA B 264 10.97 20.69 13.46
N PRO B 265 11.04 19.87 12.37
CA PRO B 265 12.28 19.09 12.12
C PRO B 265 13.56 19.91 11.97
N ASP B 266 13.44 21.17 11.56
CA ASP B 266 14.59 22.06 11.46
C ASP B 266 15.30 22.32 12.77
N PHE B 267 14.71 21.96 13.89
CA PHE B 267 15.29 22.29 15.18
C PHE B 267 16.03 21.13 15.85
N LEU B 268 16.06 20.00 15.15
CA LEU B 268 16.84 18.86 15.54
C LEU B 268 18.28 19.09 15.15
N LYS B 269 19.18 18.67 16.02
CA LYS B 269 20.61 18.60 15.73
C LYS B 269 20.87 17.74 14.46
N LYS B 270 21.63 18.28 13.51
CA LYS B 270 21.88 17.55 12.25
C LYS B 270 23.11 16.61 12.39
N TRP B 271 23.05 15.44 11.75
CA TRP B 271 24.22 14.52 11.66
C TRP B 271 24.74 14.03 13.00
N SER B 272 23.83 13.90 13.96
CA SER B 272 24.13 13.44 15.29
C SER B 272 23.20 12.32 15.74
N GLY B 273 22.44 11.71 14.84
CA GLY B 273 21.50 10.65 15.22
C GLY B 273 20.16 11.12 15.77
N ALA B 274 19.83 12.40 15.59
CA ALA B 274 18.65 13.01 16.20
C ALA B 274 17.44 12.45 15.44
N THR B 275 16.35 12.32 16.16
CA THR B 275 15.19 11.61 15.67
C THR B 275 13.93 12.43 15.91
N TYR B 276 13.08 12.43 14.90
CA TYR B 276 11.77 13.05 14.92
C TYR B 276 10.76 11.93 14.84
N VAL B 277 9.96 11.74 15.89
CA VAL B 277 8.96 10.67 15.92
C VAL B 277 7.57 11.28 16.02
N THR B 278 6.68 10.95 15.06
CA THR B 278 5.31 11.44 15.08
C THR B 278 4.36 10.31 15.38
N LEU B 279 3.42 10.58 16.29
CA LEU B 279 2.28 9.67 16.55
C LEU B 279 1.03 9.94 15.72
N VAL B 280 1.10 11.01 14.92
CA VAL B 280 -0.01 11.48 14.13
C VAL B 280 0.31 11.25 12.64
N THR B 281 -0.43 10.32 12.05
CA THR B 281 -0.12 9.73 10.72
C THR B 281 -1.43 9.45 10.01
N PRO B 282 -1.43 9.39 8.68
CA PRO B 282 -2.63 8.98 7.89
C PRO B 282 -2.75 7.46 7.65
N PHE B 283 -2.03 6.66 8.42
CA PHE B 283 -2.07 5.20 8.26
C PHE B 283 -3.51 4.62 8.12
N LEU B 284 -4.39 4.90 9.08
CA LEU B 284 -5.75 4.32 9.05
C LEU B 284 -6.62 5.13 8.15
N LEU B 285 -6.41 6.44 8.13
CA LEU B 285 -7.23 7.31 7.31
C LEU B 285 -7.05 7.02 5.81
N ASN B 286 -5.83 6.73 5.39
CA ASN B 286 -5.56 6.35 4.00
C ASN B 286 -6.36 5.14 3.54
N MET B 287 -6.46 4.12 4.40
CA MET B 287 -7.27 2.94 4.12
C MET B 287 -8.78 3.18 4.16
N ASP B 288 -9.24 3.96 5.14
CA ASP B 288 -10.64 4.41 5.14
C ASP B 288 -10.98 5.00 3.78
N ARG B 289 -10.15 5.93 3.32
CA ARG B 289 -10.41 6.70 2.10
C ARG B 289 -10.23 5.93 0.79
N LEU B 290 -9.14 5.16 0.67
CA LEU B 290 -8.78 4.58 -0.61
C LEU B 290 -9.00 3.07 -0.66
N GLY B 291 -9.39 2.48 0.48
CA GLY B 291 -9.30 1.04 0.66
C GLY B 291 -7.91 0.56 1.10
N ILE B 292 -7.85 -0.72 1.46
CA ILE B 292 -6.66 -1.35 2.02
C ILE B 292 -5.48 -1.27 1.08
N ALA B 293 -5.64 -1.78 -0.15
CA ALA B 293 -4.54 -1.84 -1.12
C ALA B 293 -3.98 -0.48 -1.51
N ASP B 294 -4.83 0.40 -2.04
CA ASP B 294 -4.39 1.76 -2.45
C ASP B 294 -4.09 2.69 -1.25
N GLY B 295 -4.75 2.43 -0.13
CA GLY B 295 -4.43 3.11 1.10
C GLY B 295 -2.98 2.83 1.52
N MET B 296 -2.60 1.55 1.57
CA MET B 296 -1.22 1.18 1.93
C MET B 296 -0.21 1.63 0.92
N LEU B 297 -0.61 1.66 -0.35
CA LEU B 297 0.28 2.18 -1.40
C LEU B 297 0.61 3.67 -1.17
N GLN B 298 -0.43 4.46 -0.94
CA GLN B 298 -0.27 5.87 -0.58
C GLN B 298 0.56 6.12 0.68
N THR B 299 0.30 5.34 1.72
CA THR B 299 1.11 5.40 2.93
C THR B 299 2.59 5.12 2.63
N GLY B 300 2.87 4.10 1.82
CA GLY B 300 4.25 3.85 1.42
C GLY B 300 4.92 5.05 0.76
N VAL B 301 4.23 5.67 -0.22
CA VAL B 301 4.78 6.83 -0.95
C VAL B 301 5.14 7.96 0.05
N THR B 302 4.27 8.17 1.03
CA THR B 302 4.44 9.26 2.02
C THR B 302 5.61 8.94 2.95
N VAL B 303 5.59 7.74 3.49
CA VAL B 303 6.60 7.27 4.42
C VAL B 303 7.97 7.23 3.78
N GLY B 304 8.04 6.72 2.56
CA GLY B 304 9.33 6.57 1.90
C GLY B 304 9.96 7.90 1.49
N SER B 305 9.14 8.78 0.94
CA SER B 305 9.62 10.08 0.48
C SER B 305 10.01 10.97 1.68
N LYS B 306 9.17 11.00 2.71
CA LYS B 306 9.50 11.68 3.97
C LYS B 306 10.76 11.19 4.67
N ALA B 307 10.89 9.88 4.86
CA ALA B 307 12.08 9.32 5.50
C ALA B 307 13.34 9.64 4.73
N LEU B 308 13.26 9.61 3.40
CA LEU B 308 14.41 9.88 2.55
C LEU B 308 14.84 11.36 2.64
N LYS B 309 13.84 12.23 2.57
CA LYS B 309 14.03 13.69 2.62
C LYS B 309 14.72 14.05 3.92
N HIS B 310 14.21 13.52 5.03
CA HIS B 310 14.81 13.85 6.32
C HIS B 310 16.17 13.21 6.52
N PHE B 311 16.36 11.96 6.08
CA PHE B 311 17.66 11.31 6.19
C PHE B 311 18.77 12.14 5.51
N TRP B 312 18.48 12.68 4.34
CA TRP B 312 19.47 13.40 3.55
C TRP B 312 19.73 14.81 4.07
N LYS B 313 18.83 15.27 4.95
CA LYS B 313 19.00 16.51 5.74
C LYS B 313 19.56 16.28 7.16
N GLY B 314 19.89 15.06 7.48
CA GLY B 314 20.69 14.80 8.66
C GLY B 314 19.97 14.30 9.88
N VAL B 315 18.71 13.88 9.71
CA VAL B 315 17.89 13.42 10.83
C VAL B 315 17.05 12.19 10.47
N HIS B 316 16.65 11.41 11.50
CA HIS B 316 15.80 10.23 11.32
C HIS B 316 14.37 10.64 11.55
N TYR B 317 13.54 10.40 10.56
CA TYR B 317 12.12 10.65 10.68
C TYR B 317 11.41 9.31 10.79
N ARG B 318 10.54 9.17 11.78
CA ARG B 318 9.86 7.91 12.09
C ARG B 318 8.41 8.10 12.47
N TRP B 319 7.58 7.12 12.11
CA TRP B 319 6.23 6.96 12.64
C TRP B 319 6.23 5.98 13.83
N ALA B 320 5.38 6.22 14.83
CA ALA B 320 5.18 5.31 15.97
C ALA B 320 3.72 5.03 16.17
N PHE B 321 3.43 3.84 16.69
CA PHE B 321 2.06 3.37 16.95
C PHE B 321 1.94 2.73 18.31
N PHE B 322 0.79 2.90 18.93
CA PHE B 322 0.45 2.09 20.08
C PHE B 322 0.70 0.60 19.75
N MET B 323 1.26 -0.12 20.69
CA MET B 323 1.35 -1.58 20.64
C MET B 323 1.00 -2.11 22.06
N ALA B 324 0.04 -3.02 22.19
CA ALA B 324 -0.26 -3.64 23.49
C ALA B 324 0.95 -4.44 23.97
N SER B 325 1.31 -4.32 25.26
CA SER B 325 2.44 -5.07 25.81
C SER B 325 2.45 -5.11 27.32
N GLY B 326 2.15 -6.28 27.89
CA GLY B 326 2.27 -6.50 29.34
C GLY B 326 3.67 -6.27 29.86
N PRO B 327 4.68 -6.80 29.17
CA PRO B 327 6.06 -6.56 29.59
C PRO B 327 6.46 -5.09 29.68
N CYS B 328 6.07 -4.26 28.71
CA CYS B 328 6.38 -2.84 28.82
C CYS B 328 5.57 -2.16 29.94
N LEU B 329 4.34 -2.62 30.16
CA LEU B 329 3.53 -2.14 31.29
C LEU B 329 4.16 -2.52 32.63
N ASP B 330 4.88 -3.64 32.69
CA ASP B 330 5.61 -4.04 33.89
C ASP B 330 6.73 -3.01 34.17
N ASP B 331 7.44 -2.57 33.13
CA ASP B 331 8.50 -1.55 33.29
C ASP B 331 7.92 -0.19 33.70
N ILE B 332 6.81 0.18 33.05
CA ILE B 332 6.10 1.41 33.40
C ILE B 332 5.59 1.39 34.86
N ALA B 333 5.03 0.25 35.31
CA ALA B 333 4.55 0.13 36.70
C ALA B 333 5.65 0.36 37.73
N GLU B 334 6.84 -0.13 37.39
CA GLU B 334 8.00 0.01 38.25
C GLU B 334 8.41 1.49 38.39
N LEU B 335 8.32 2.26 37.29
CA LEU B 335 8.53 3.72 37.35
C LEU B 335 7.45 4.44 38.17
N VAL B 336 6.20 4.05 38.00
CA VAL B 336 5.12 4.59 38.83
C VAL B 336 5.38 4.33 40.32
N ASP B 337 5.64 3.07 40.66
CA ASP B 337 5.86 2.74 42.07
C ASP B 337 7.17 3.29 42.62
N ALA B 338 8.07 3.76 41.76
CA ALA B 338 9.25 4.51 42.21
C ALA B 338 8.96 5.99 42.47
N GLY B 339 7.74 6.44 42.20
CA GLY B 339 7.39 7.86 42.34
C GLY B 339 7.81 8.71 41.16
N LYS B 340 8.20 8.10 40.04
CA LYS B 340 8.72 8.86 38.88
C LYS B 340 7.64 9.32 37.89
N ILE B 341 6.54 8.57 37.81
CA ILE B 341 5.43 8.88 36.93
C ILE B 341 4.15 8.89 37.75
N ARG B 342 3.43 10.02 37.71
CA ARG B 342 2.12 10.17 38.35
C ARG B 342 1.03 10.15 37.30
N PRO B 343 -0.17 9.70 37.66
CA PRO B 343 -1.32 9.82 36.77
C PRO B 343 -1.83 11.26 36.73
N VAL B 344 -2.45 11.66 35.63
CA VAL B 344 -2.95 13.03 35.48
C VAL B 344 -4.38 12.92 35.02
N ILE B 345 -5.28 12.95 36.00
CA ILE B 345 -6.69 12.68 35.77
C ILE B 345 -7.41 14.01 35.82
N GLU B 346 -8.00 14.37 34.68
CA GLU B 346 -8.72 15.62 34.52
C GLU B 346 -10.13 15.51 35.11
N GLN B 347 -10.81 14.42 34.76
CA GLN B 347 -12.16 14.23 35.20
C GLN B 347 -12.45 12.74 35.26
N THR B 348 -13.35 12.36 36.16
CA THR B 348 -13.83 10.99 36.25
C THR B 348 -15.35 10.98 36.15
N PHE B 349 -15.87 9.95 35.51
CA PHE B 349 -17.31 9.80 35.28
C PHE B 349 -17.75 8.43 35.78
N PRO B 350 -18.96 8.35 36.34
CA PRO B 350 -19.48 7.04 36.65
C PRO B 350 -19.85 6.30 35.37
N PHE B 351 -20.02 4.98 35.43
CA PHE B 351 -20.36 4.17 34.26
C PHE B 351 -21.63 4.65 33.56
N SER B 352 -22.55 5.24 34.32
CA SER B 352 -23.81 5.74 33.77
C SER B 352 -23.59 6.97 32.89
N LYS B 353 -22.41 7.58 32.94
CA LYS B 353 -22.16 8.78 32.18
C LYS B 353 -21.06 8.59 31.17
N VAL B 354 -20.98 7.40 30.57
CA VAL B 354 -20.00 7.15 29.51
C VAL B 354 -20.20 8.07 28.29
N PRO B 355 -21.46 8.29 27.86
CA PRO B 355 -21.71 9.23 26.77
C PRO B 355 -21.23 10.67 27.03
N GLU B 356 -21.43 11.14 28.25
CA GLU B 356 -20.92 12.44 28.70
C GLU B 356 -19.40 12.49 28.66
N ALA B 357 -18.76 11.39 29.09
CA ALA B 357 -17.31 11.26 29.01
C ALA B 357 -16.83 11.34 27.56
N PHE B 358 -17.49 10.62 26.66
CA PHE B 358 -17.15 10.68 25.23
C PHE B 358 -17.26 12.11 24.70
N LEU B 359 -18.34 12.82 25.03
CA LEU B 359 -18.52 14.20 24.54
C LEU B 359 -17.47 15.18 25.07
N LYS B 360 -17.08 15.00 26.33
CA LYS B 360 -16.01 15.79 26.93
C LYS B 360 -14.72 15.66 26.15
N VAL B 361 -14.33 14.42 25.88
CA VAL B 361 -13.14 14.11 25.12
C VAL B 361 -13.30 14.61 23.69
N GLU B 362 -14.48 14.47 23.13
CA GLU B 362 -14.74 14.92 21.76
C GLU B 362 -14.58 16.45 21.67
N ARG B 363 -14.90 17.15 22.74
CA ARG B 363 -14.74 18.61 22.78
C ARG B 363 -13.26 19.04 22.75
N GLY B 364 -12.35 18.19 23.16
CA GLY B 364 -10.94 18.51 23.09
C GLY B 364 -10.39 19.28 24.29
N HIS B 365 -9.24 19.92 24.12
CA HIS B 365 -8.52 20.60 25.20
C HIS B 365 -8.21 19.72 26.41
N ALA B 366 -7.83 18.48 26.14
CA ALA B 366 -7.39 17.56 27.17
C ALA B 366 -6.37 18.23 28.05
N ARG B 367 -6.56 18.09 29.37
CA ARG B 367 -5.50 18.36 30.35
C ARG B 367 -5.24 17.09 31.14
N GLY B 368 -4.49 16.16 30.57
CA GLY B 368 -4.38 14.81 31.14
C GLY B 368 -5.56 13.96 30.71
N LYS B 369 -6.04 13.09 31.60
CA LYS B 369 -6.95 11.98 31.23
C LYS B 369 -8.36 12.06 31.78
N THR B 370 -9.30 11.50 31.00
CA THR B 370 -10.68 11.28 31.45
C THR B 370 -10.89 9.77 31.70
N VAL B 371 -11.40 9.44 32.90
CA VAL B 371 -11.47 8.05 33.38
C VAL B 371 -12.93 7.68 33.73
N ILE B 372 -13.31 6.43 33.48
CA ILE B 372 -14.63 5.92 33.80
C ILE B 372 -14.50 4.95 34.98
N ASN B 373 -15.19 5.26 36.09
CA ASN B 373 -15.33 4.32 37.20
C ASN B 373 -16.40 3.32 36.83
N VAL B 374 -15.99 2.08 36.59
CA VAL B 374 -16.89 1.03 36.11
C VAL B 374 -17.49 0.34 37.33
N VAL B 375 -16.63 -0.10 38.22
CA VAL B 375 -17.00 -0.60 39.55
C VAL B 375 -17.09 0.59 40.50
#